data_5IMW
#
_entry.id   5IMW
#
_cell.length_a   84.465
_cell.length_b   101.565
_cell.length_c   175.735
_cell.angle_alpha   90.00
_cell.angle_beta   90.00
_cell.angle_gamma   90.00
#
_symmetry.space_group_name_H-M   'P 21 2 21'
#
_entity_poly.entity_id   1
_entity_poly.type   'polypeptide(L)'
_entity_poly.pdbx_seq_one_letter_code
;SEAAKKALNDYIWGLQYDKLNILTHQGEKLKNHSSREAFHRPGEYVVIEKKKQSISNATSKLSVSSANDDRIFPGALLKA
DQSLLENLPTLIPVNRGKTTISVNLPGLKNGESNLTVENPSNSTVRTAVNNLVEKWIQKYSKTHAVPARMQYESISAQSM
SQLQAKFGADFSKVGAPLNVDFSSVHKGEKQVFIANFRQVYYTASVDSPNSPSALFGSGITPTDLINRGVNSKTPPVYVS
NVSYGRAMYVKFETTSKSTKVQAAIDAVVKGAKLKAGTEYENILKNTKICAVVLGGNPGEASKVCTGNIDTLKDLIQKGS
NFSAQSPAVPISYTTSFVKDNSIATIQNNTDYIETKVTSYKDGALTLNHDGAFVARFYVYWEELGHDADGYETIRSRSWS
GNGYNRGAHYSTTLRFKGNVRNIRVKVLGATGLAWEPWRLIYSKNDLPLVPQRNISTWGTTLHPQFEDKVV
;
_entity_poly.pdbx_strand_id   A,B
#
# COMPACT_ATOMS: atom_id res chain seq x y z
N SER A 1 51.84 44.04 1.70
CA SER A 1 51.00 43.48 2.76
C SER A 1 49.53 43.74 2.47
N GLU A 2 49.20 44.99 2.11
CA GLU A 2 47.83 45.32 1.78
C GLU A 2 47.30 44.48 0.63
N ALA A 3 48.19 44.01 -0.25
CA ALA A 3 47.76 43.18 -1.37
C ALA A 3 47.30 41.80 -0.91
N ALA A 4 47.81 41.34 0.24
CA ALA A 4 47.35 40.05 0.77
C ALA A 4 45.87 40.11 1.14
N LYS A 5 45.43 41.23 1.71
CA LYS A 5 44.01 41.39 2.01
C LYS A 5 43.17 41.27 0.75
N LYS A 6 43.57 41.99 -0.31
CA LYS A 6 42.85 41.94 -1.57
C LYS A 6 42.77 40.51 -2.09
N ALA A 7 43.92 39.84 -2.22
CA ALA A 7 43.94 38.49 -2.77
C ALA A 7 43.03 37.56 -1.97
N LEU A 8 43.08 37.64 -0.64
CA LEU A 8 42.26 36.76 0.19
C LEU A 8 40.78 37.06 0.03
N ASN A 9 40.43 38.34 -0.17
CA ASN A 9 39.03 38.71 -0.39
C ASN A 9 38.47 38.08 -1.65
N ASP A 10 39.31 37.93 -2.69
CA ASP A 10 38.83 37.41 -3.97
C ASP A 10 38.65 35.89 -3.94
N TYR A 11 39.45 35.19 -3.14
CA TYR A 11 39.27 33.74 -3.04
C TYR A 11 37.97 33.40 -2.33
N ILE A 12 37.61 34.16 -1.30
CA ILE A 12 36.37 33.91 -0.58
C ILE A 12 35.18 34.21 -1.49
N TRP A 13 35.20 35.38 -2.14
CA TRP A 13 34.11 35.75 -3.04
C TRP A 13 34.06 34.84 -4.27
N GLY A 14 35.20 34.31 -4.70
CA GLY A 14 35.24 33.47 -5.89
C GLY A 14 34.55 32.13 -5.72
N LEU A 15 34.40 31.65 -4.49
CA LEU A 15 33.75 30.36 -4.26
C LEU A 15 32.36 30.34 -4.88
N GLN A 16 32.02 29.21 -5.48
CA GLN A 16 30.71 29.00 -6.09
C GLN A 16 30.09 27.77 -5.42
N TYR A 17 28.86 27.91 -4.95
CA TYR A 17 28.23 26.83 -4.21
C TYR A 17 26.77 27.18 -3.99
N ASP A 18 25.99 26.17 -3.58
CA ASP A 18 24.55 26.31 -3.37
C ASP A 18 24.29 26.24 -1.86
N LYS A 19 24.07 27.41 -1.26
CA LYS A 19 23.87 27.50 0.19
C LYS A 19 22.81 26.52 0.66
N LEU A 20 21.56 26.70 0.21
CA LEU A 20 20.46 25.86 0.65
C LEU A 20 20.54 24.47 0.05
N ASN A 21 21.65 23.78 0.28
CA ASN A 21 21.84 22.43 -0.24
C ASN A 21 23.05 21.74 0.40
N ILE A 22 24.06 22.54 0.78
CA ILE A 22 25.22 21.97 1.47
C ILE A 22 24.85 21.60 2.90
N LEU A 23 23.98 22.39 3.52
CA LEU A 23 23.57 22.15 4.90
C LEU A 23 22.35 21.24 4.96
N THR A 24 22.38 20.17 4.19
CA THR A 24 21.27 19.22 4.07
C THR A 24 21.76 17.85 4.50
N HIS A 25 21.09 17.26 5.49
CA HIS A 25 21.41 15.92 5.98
C HIS A 25 20.23 15.01 5.70
N GLN A 26 20.45 13.99 4.88
CA GLN A 26 19.39 13.06 4.48
C GLN A 26 19.53 11.78 5.29
N GLY A 27 18.56 11.51 6.16
CA GLY A 27 18.52 10.27 6.91
C GLY A 27 18.03 9.13 6.04
N GLU A 28 17.54 8.08 6.70
CA GLU A 28 17.05 6.91 5.98
C GLU A 28 15.88 7.30 5.08
N LYS A 29 15.84 6.67 3.90
CA LYS A 29 14.71 6.76 2.98
C LYS A 29 14.09 5.37 2.86
N LEU A 30 12.83 5.26 3.25
CA LEU A 30 12.13 3.98 3.26
C LEU A 30 11.09 3.93 2.15
N LYS A 31 10.78 2.72 1.70
CA LYS A 31 9.69 2.54 0.75
C LYS A 31 8.35 2.61 1.50
N ASN A 32 7.34 3.11 0.80
CA ASN A 32 6.01 3.24 1.40
C ASN A 32 5.61 1.94 2.09
N HIS A 33 4.97 2.07 3.26
CA HIS A 33 4.59 0.91 4.06
C HIS A 33 3.25 1.23 4.76
N SER A 34 2.19 1.32 3.96
CA SER A 34 0.85 1.47 4.52
C SER A 34 0.39 0.14 5.10
N SER A 35 0.03 0.15 6.38
CA SER A 35 -0.36 -1.07 7.08
C SER A 35 -1.41 -0.71 8.12
N ARG A 36 -2.12 -1.73 8.59
CA ARG A 36 -3.20 -1.54 9.56
C ARG A 36 -3.19 -2.70 10.55
N GLU A 37 -4.12 -2.63 11.50
CA GLU A 37 -4.30 -3.64 12.54
C GLU A 37 -5.50 -3.25 13.38
N ALA A 38 -6.45 -4.18 13.58
CA ALA A 38 -7.73 -3.86 14.18
C ALA A 38 -8.02 -4.75 15.37
N PHE A 39 -8.64 -4.17 16.39
CA PHE A 39 -9.13 -4.87 17.57
C PHE A 39 -10.64 -4.69 17.69
N HIS A 40 -11.21 -5.39 18.66
CA HIS A 40 -12.62 -5.21 19.02
C HIS A 40 -12.67 -5.00 20.52
N ARG A 41 -12.95 -3.78 20.94
CA ARG A 41 -13.05 -3.44 22.35
C ARG A 41 -14.46 -2.98 22.67
N PRO A 42 -14.99 -3.30 23.87
CA PRO A 42 -16.35 -2.88 24.20
C PRO A 42 -16.64 -1.43 23.84
N GLY A 43 -17.63 -1.22 22.98
CA GLY A 43 -18.08 0.11 22.63
C GLY A 43 -17.24 0.84 21.61
N GLU A 44 -16.23 0.18 21.03
CA GLU A 44 -15.35 0.89 20.10
C GLU A 44 -14.64 -0.11 19.19
N TYR A 45 -14.28 0.38 18.00
CA TYR A 45 -13.46 -0.35 17.04
C TYR A 45 -12.26 0.52 16.72
N VAL A 46 -11.09 0.15 17.24
CA VAL A 46 -9.91 1.00 17.17
C VAL A 46 -8.90 0.39 16.20
N VAL A 47 -8.20 1.28 15.49
CA VAL A 47 -7.31 0.91 14.40
C VAL A 47 -5.89 1.36 14.77
N ILE A 48 -4.92 0.48 14.54
CA ILE A 48 -3.51 0.80 14.74
C ILE A 48 -2.83 0.84 13.37
N GLU A 49 -2.76 2.02 12.77
CA GLU A 49 -2.29 2.18 11.40
C GLU A 49 -0.83 2.64 11.42
N LYS A 50 0.04 1.87 10.76
CA LYS A 50 1.45 2.21 10.62
C LYS A 50 1.72 2.62 9.17
N LYS A 51 2.23 3.83 8.99
CA LYS A 51 2.51 4.40 7.68
C LYS A 51 3.97 4.80 7.58
N LYS A 52 4.36 5.25 6.39
CA LYS A 52 5.68 5.79 6.13
C LYS A 52 5.54 7.29 5.94
N GLN A 53 6.23 8.07 6.77
CA GLN A 53 6.17 9.51 6.72
C GLN A 53 7.57 10.08 6.57
N SER A 54 7.63 11.31 6.06
CA SER A 54 8.87 12.03 5.88
C SER A 54 8.78 13.39 6.58
N ILE A 55 9.89 13.83 7.15
CA ILE A 55 9.97 15.10 7.86
C ILE A 55 11.12 15.91 7.27
N SER A 56 10.89 17.21 7.05
CA SER A 56 11.90 18.11 6.53
C SER A 56 11.87 19.38 7.37
N ASN A 57 12.90 19.60 8.17
CA ASN A 57 12.95 20.72 9.11
C ASN A 57 14.19 21.57 8.82
N ALA A 58 13.98 22.87 8.68
CA ALA A 58 15.05 23.82 8.40
C ALA A 58 15.14 24.81 9.55
N THR A 59 16.34 24.95 10.13
CA THR A 59 16.54 25.80 11.29
C THR A 59 17.88 26.52 11.18
N SER A 60 17.87 27.81 11.52
CA SER A 60 19.12 28.57 11.64
C SER A 60 19.60 28.67 13.09
N LYS A 61 18.73 28.38 14.06
CA LYS A 61 19.07 28.43 15.47
C LYS A 61 19.55 27.04 15.90
N LEU A 62 20.84 26.92 16.19
CA LEU A 62 21.44 25.66 16.59
C LEU A 62 21.61 25.58 18.10
N SER A 63 21.46 24.38 18.64
CA SER A 63 21.57 24.18 20.07
C SER A 63 23.03 24.21 20.50
N VAL A 64 23.23 24.59 21.76
CA VAL A 64 24.55 24.60 22.39
C VAL A 64 24.56 23.53 23.48
N SER A 65 25.48 22.58 23.37
CA SER A 65 25.60 21.49 24.31
C SER A 65 26.98 21.52 24.97
N SER A 66 27.14 20.69 26.01
CA SER A 66 28.44 20.55 26.65
C SER A 66 29.48 19.98 25.70
N ALA A 67 29.04 19.35 24.60
CA ALA A 67 29.98 18.79 23.65
C ALA A 67 30.60 19.84 22.74
N ASN A 68 29.85 20.89 22.40
CA ASN A 68 30.31 21.92 21.48
C ASN A 68 30.54 23.27 22.16
N ASP A 69 30.46 23.31 23.49
CA ASP A 69 30.52 24.59 24.20
C ASP A 69 31.78 25.36 23.83
N ASP A 70 32.95 24.71 23.93
CA ASP A 70 34.20 25.41 23.70
C ASP A 70 34.29 25.97 22.28
N ARG A 71 33.71 25.27 21.30
CA ARG A 71 33.83 25.69 19.91
C ARG A 71 32.86 26.81 19.52
N ILE A 72 31.96 27.22 20.42
CA ILE A 72 30.90 28.16 20.09
C ILE A 72 31.18 29.46 20.83
N PHE A 73 31.49 30.51 20.08
CA PHE A 73 31.59 31.85 20.62
C PHE A 73 31.46 32.84 19.46
N PRO A 74 31.03 34.07 19.73
CA PRO A 74 30.88 35.04 18.64
C PRO A 74 32.16 35.20 17.83
N GLY A 75 32.03 35.02 16.51
CA GLY A 75 33.14 35.18 15.60
C GLY A 75 33.91 33.91 15.30
N ALA A 76 33.60 32.81 15.95
CA ALA A 76 34.32 31.56 15.72
C ALA A 76 34.25 31.17 14.24
N LEU A 77 35.42 30.84 13.67
CA LEU A 77 35.53 30.43 12.27
C LEU A 77 35.31 28.93 12.17
N LEU A 78 34.30 28.51 11.42
CA LEU A 78 33.92 27.11 11.31
C LEU A 78 33.77 26.72 9.84
N LYS A 79 33.78 25.42 9.59
CA LYS A 79 33.57 24.88 8.26
C LYS A 79 32.16 24.31 8.16
N ALA A 80 31.50 24.57 7.03
CA ALA A 80 30.17 24.02 6.76
C ALA A 80 30.30 22.59 6.21
N ASP A 81 30.96 21.74 7.00
CA ASP A 81 31.22 20.37 6.63
C ASP A 81 30.26 19.44 7.37
N GLN A 82 30.59 18.16 7.45
CA GLN A 82 29.70 17.20 8.07
C GLN A 82 29.55 17.47 9.57
N SER A 83 30.62 17.92 10.21
CA SER A 83 30.59 18.10 11.66
C SER A 83 29.56 19.14 12.09
N LEU A 84 29.32 20.16 11.26
CA LEU A 84 28.34 21.18 11.62
C LEU A 84 26.92 20.62 11.63
N LEU A 85 26.63 19.68 10.72
CA LEU A 85 25.29 19.09 10.70
C LEU A 85 25.06 18.21 11.91
N GLU A 86 26.10 17.54 12.41
CA GLU A 86 26.03 16.84 13.69
C GLU A 86 26.09 17.80 14.87
N ASN A 87 26.14 19.11 14.61
CA ASN A 87 26.17 20.13 15.65
C ASN A 87 27.38 19.95 16.57
N LEU A 88 28.47 19.43 16.03
CA LEU A 88 29.77 19.40 16.70
C LEU A 88 30.83 20.04 15.80
N PRO A 89 30.70 21.34 15.54
CA PRO A 89 31.57 21.97 14.54
C PRO A 89 33.03 21.99 14.96
N THR A 90 33.90 21.98 13.95
CA THR A 90 35.34 22.04 14.14
C THR A 90 35.86 23.40 13.72
N LEU A 91 36.57 24.07 14.63
CA LEU A 91 37.14 25.37 14.33
C LEU A 91 38.25 25.25 13.29
N ILE A 92 38.27 26.20 12.35
CA ILE A 92 39.36 26.29 11.38
C ILE A 92 40.60 26.72 12.16
N PRO A 93 41.64 25.87 12.27
CA PRO A 93 42.83 26.29 13.03
C PRO A 93 43.67 27.30 12.26
N VAL A 94 43.48 28.58 12.56
CA VAL A 94 44.13 29.65 11.81
C VAL A 94 44.07 30.92 12.65
N ASN A 95 45.07 31.79 12.46
CA ASN A 95 45.05 33.08 13.12
C ASN A 95 43.83 33.88 12.68
N ARG A 96 43.51 34.91 13.46
CA ARG A 96 42.32 35.71 13.20
C ARG A 96 42.63 37.18 13.41
N GLY A 97 41.74 38.03 12.88
CA GLY A 97 41.80 39.46 13.07
C GLY A 97 40.82 39.91 14.13
N LYS A 98 40.56 41.21 14.15
CA LYS A 98 39.67 41.78 15.15
C LYS A 98 38.23 41.37 14.87
N THR A 99 37.45 41.25 15.95
CA THR A 99 36.03 40.91 15.86
C THR A 99 35.25 41.94 16.65
N THR A 100 34.32 42.62 15.97
CA THR A 100 33.47 43.62 16.61
C THR A 100 32.15 42.98 17.01
N ILE A 101 31.79 43.13 18.27
CA ILE A 101 30.62 42.48 18.85
C ILE A 101 29.65 43.54 19.35
N SER A 102 28.37 43.20 19.37
CA SER A 102 27.33 44.06 19.93
C SER A 102 26.40 43.22 20.79
N VAL A 103 25.87 43.85 21.85
CA VAL A 103 24.95 43.19 22.76
C VAL A 103 23.69 44.03 22.87
N ASN A 104 22.54 43.35 22.98
CA ASN A 104 21.23 44.00 22.93
C ASN A 104 20.62 44.16 24.31
N LEU A 105 21.43 44.20 25.37
CA LEU A 105 20.89 44.40 26.70
C LEU A 105 20.26 45.78 26.80
N PRO A 106 19.16 45.93 27.54
CA PRO A 106 18.40 47.18 27.49
C PRO A 106 19.11 48.32 28.20
N GLY A 107 18.90 49.53 27.69
CA GLY A 107 19.52 50.73 28.19
C GLY A 107 20.83 51.08 27.52
N LEU A 108 21.52 50.10 26.96
CA LEU A 108 22.86 50.29 26.42
C LEU A 108 22.98 51.60 25.66
N LYS A 109 24.01 52.37 26.02
CA LYS A 109 24.13 53.78 25.65
C LYS A 109 25.42 54.01 24.88
N ASN A 110 25.31 54.75 23.79
CA ASN A 110 26.47 55.16 22.98
C ASN A 110 27.18 53.88 22.51
N GLY A 111 28.51 53.83 22.57
CA GLY A 111 29.24 52.66 22.14
C GLY A 111 29.52 51.68 23.27
N GLU A 112 28.78 51.81 24.37
CA GLU A 112 28.93 50.87 25.47
C GLU A 112 28.45 49.48 25.12
N SER A 113 27.76 49.31 23.99
CA SER A 113 27.26 48.02 23.56
C SER A 113 28.24 47.30 22.63
N ASN A 114 29.24 47.99 22.09
CA ASN A 114 30.14 47.43 21.10
C ASN A 114 31.46 47.06 21.73
N LEU A 115 31.98 45.89 21.38
CA LEU A 115 33.26 45.39 21.87
C LEU A 115 34.21 45.17 20.70
N THR A 116 35.46 44.87 21.06
CA THR A 116 36.48 44.48 20.10
C THR A 116 37.42 43.50 20.79
N VAL A 117 37.82 42.45 20.09
CA VAL A 117 38.76 41.46 20.60
C VAL A 117 39.87 41.31 19.58
N GLU A 118 41.12 41.47 20.05
CA GLU A 118 42.25 41.54 19.13
C GLU A 118 42.62 40.15 18.60
N ASN A 119 42.66 39.14 19.48
CA ASN A 119 43.04 37.78 19.13
C ASN A 119 41.89 36.85 19.56
N PRO A 120 40.82 36.78 18.77
CA PRO A 120 39.63 36.04 19.21
C PRO A 120 39.92 34.59 19.57
N SER A 121 39.50 34.20 20.76
CA SER A 121 39.48 32.81 21.17
C SER A 121 38.34 32.65 22.18
N ASN A 122 37.99 31.40 22.49
CA ASN A 122 36.88 31.17 23.40
C ASN A 122 37.07 31.95 24.70
N SER A 123 38.14 31.65 25.43
CA SER A 123 38.41 32.33 26.70
C SER A 123 38.37 33.84 26.53
N THR A 124 38.99 34.35 25.46
CA THR A 124 39.07 35.81 25.28
C THR A 124 37.69 36.41 25.04
N VAL A 125 36.83 35.70 24.32
CA VAL A 125 35.53 36.27 23.97
C VAL A 125 34.53 36.09 25.11
N ARG A 126 34.55 34.94 25.77
CA ARG A 126 33.67 34.74 26.93
C ARG A 126 34.01 35.74 28.03
N THR A 127 35.30 35.92 28.31
CA THR A 127 35.71 36.91 29.30
C THR A 127 35.25 38.30 28.90
N ALA A 128 35.39 38.63 27.61
CA ALA A 128 34.99 39.96 27.14
C ALA A 128 33.48 40.12 27.16
N VAL A 129 32.75 39.08 26.79
CA VAL A 129 31.29 39.13 26.83
C VAL A 129 30.79 39.09 28.27
N ASN A 130 31.40 38.25 29.11
CA ASN A 130 31.03 38.21 30.51
C ASN A 130 31.39 39.52 31.22
N ASN A 131 32.50 40.14 30.83
CA ASN A 131 32.87 41.41 31.45
C ASN A 131 31.80 42.46 31.21
N LEU A 132 31.35 42.59 29.95
CA LEU A 132 30.32 43.58 29.63
C LEU A 132 29.06 43.32 30.43
N VAL A 133 28.64 42.06 30.51
CA VAL A 133 27.41 41.73 31.21
C VAL A 133 27.48 42.20 32.66
N GLU A 134 28.59 41.87 33.34
CA GLU A 134 28.76 42.30 34.72
C GLU A 134 28.63 43.81 34.85
N LYS A 135 29.12 44.56 33.85
CA LYS A 135 28.96 46.01 33.86
C LYS A 135 27.48 46.40 33.81
N TRP A 136 26.78 45.96 32.77
CA TRP A 136 25.36 46.26 32.64
C TRP A 136 24.59 45.88 33.89
N ILE A 137 24.99 44.79 34.56
CA ILE A 137 24.32 44.36 35.78
C ILE A 137 24.37 45.48 36.81
N GLN A 138 25.55 45.76 37.34
CA GLN A 138 25.66 46.70 38.47
C GLN A 138 25.06 48.05 38.14
N LYS A 139 25.13 48.48 36.89
CA LYS A 139 24.71 49.83 36.53
C LYS A 139 23.28 49.90 36.02
N TYR A 140 22.69 48.78 35.59
CA TYR A 140 21.35 48.80 35.03
C TYR A 140 20.49 47.60 35.42
N SER A 141 21.00 46.66 36.21
CA SER A 141 20.21 45.49 36.60
C SER A 141 18.92 45.93 37.31
N LYS A 142 19.04 46.85 38.27
CA LYS A 142 17.89 47.23 39.08
C LYS A 142 16.88 48.02 38.27
N THR A 143 17.36 49.01 37.50
CA THR A 143 16.43 49.89 36.78
C THR A 143 15.80 49.19 35.58
N HIS A 144 16.57 48.42 34.84
CA HIS A 144 16.09 47.78 33.62
C HIS A 144 15.84 46.29 33.85
N ALA A 145 14.76 45.79 33.25
CA ALA A 145 14.39 44.38 33.34
C ALA A 145 14.33 43.80 31.94
N VAL A 146 14.82 42.57 31.80
CA VAL A 146 14.88 41.91 30.50
C VAL A 146 13.95 40.69 30.48
N PRO A 147 12.79 40.76 29.84
CA PRO A 147 11.92 39.57 29.78
C PRO A 147 12.47 38.54 28.81
N ALA A 148 12.43 37.29 29.23
CA ALA A 148 12.91 36.20 28.38
C ALA A 148 12.09 36.15 27.09
N ARG A 149 12.76 35.84 25.99
CA ARG A 149 12.11 35.63 24.70
C ARG A 149 12.02 34.13 24.43
N MET A 150 10.81 33.66 24.14
CA MET A 150 10.51 32.24 24.07
C MET A 150 10.41 31.76 22.63
N GLN A 151 11.11 30.67 22.33
CA GLN A 151 10.92 29.90 21.09
C GLN A 151 10.56 28.48 21.50
N TYR A 152 9.33 28.07 21.20
CA TYR A 152 8.77 26.81 21.67
C TYR A 152 8.48 25.92 20.47
N GLU A 153 9.07 24.72 20.47
CA GLU A 153 8.88 23.74 19.41
C GLU A 153 8.55 22.39 20.04
N SER A 154 7.57 21.70 19.46
CA SER A 154 7.12 20.41 19.97
C SER A 154 6.79 19.47 18.83
N ILE A 155 6.76 18.18 19.14
CA ILE A 155 6.40 17.16 18.16
C ILE A 155 5.99 15.88 18.89
N SER A 156 5.47 14.92 18.15
CA SER A 156 5.14 13.61 18.71
C SER A 156 6.26 12.63 18.39
N ALA A 157 6.54 11.74 19.34
CA ALA A 157 7.62 10.78 19.18
C ALA A 157 7.20 9.67 18.23
N GLN A 158 7.94 9.53 17.12
CA GLN A 158 7.72 8.46 16.16
C GLN A 158 8.99 7.76 15.70
N SER A 159 10.17 8.33 15.95
CA SER A 159 11.43 7.64 15.76
C SER A 159 12.53 8.47 16.39
N MET A 160 13.57 7.81 16.88
CA MET A 160 14.73 8.54 17.39
C MET A 160 15.34 9.38 16.28
N SER A 161 15.51 8.80 15.09
CA SER A 161 15.99 9.56 13.95
C SER A 161 15.02 10.68 13.58
N GLN A 162 13.73 10.50 13.85
CA GLN A 162 12.75 11.55 13.59
C GLN A 162 12.99 12.76 14.49
N LEU A 163 13.33 12.52 15.75
CA LEU A 163 13.58 13.63 16.66
C LEU A 163 14.87 14.37 16.30
N GLN A 164 15.88 13.64 15.84
CA GLN A 164 17.14 14.28 15.46
C GLN A 164 16.94 15.25 14.30
N ALA A 165 15.92 15.04 13.48
CA ALA A 165 15.65 15.94 12.37
C ALA A 165 14.92 17.20 12.81
N LYS A 166 14.30 17.19 13.99
CA LYS A 166 13.56 18.35 14.48
C LYS A 166 14.36 19.20 15.45
N PHE A 167 15.16 18.57 16.31
CA PHE A 167 15.96 19.28 17.30
C PHE A 167 17.45 19.28 17.02
N GLY A 168 17.91 18.46 16.08
CA GLY A 168 19.31 18.39 15.76
C GLY A 168 19.88 17.01 16.07
N ALA A 169 20.96 16.67 15.37
CA ALA A 169 21.55 15.35 15.51
C ALA A 169 22.06 15.09 16.93
N ASP A 170 22.29 16.14 17.72
CA ASP A 170 22.80 15.98 19.07
C ASP A 170 21.71 15.63 20.07
N PHE A 171 20.49 15.33 19.62
CA PHE A 171 19.42 14.99 20.55
C PHE A 171 19.68 13.67 21.25
N SER A 172 20.32 12.73 20.56
CA SER A 172 20.61 11.43 21.18
C SER A 172 21.41 11.59 22.47
N LYS A 173 22.40 12.49 22.47
CA LYS A 173 23.23 12.69 23.65
C LYS A 173 22.50 13.51 24.71
N VAL A 174 21.89 14.63 24.30
CA VAL A 174 21.24 15.51 25.27
C VAL A 174 19.96 14.89 25.80
N GLY A 175 19.26 14.11 24.99
CA GLY A 175 18.00 13.50 25.37
C GLY A 175 18.10 12.14 26.01
N ALA A 176 19.29 11.56 26.11
CA ALA A 176 19.43 10.24 26.72
C ALA A 176 18.82 10.17 28.11
N PRO A 177 19.00 11.16 29.00
CA PRO A 177 18.32 11.11 30.29
C PRO A 177 16.81 11.01 30.19
N LEU A 178 16.23 11.37 29.05
CA LEU A 178 14.78 11.24 28.87
C LEU A 178 14.35 9.79 28.74
N ASN A 179 15.25 8.92 28.30
CA ASN A 179 14.97 7.49 28.11
C ASN A 179 13.60 7.28 27.46
N VAL A 180 13.36 8.01 26.38
CA VAL A 180 12.11 7.90 25.65
C VAL A 180 11.85 6.44 25.29
N ASP A 181 11.01 5.78 26.09
CA ASP A 181 10.54 4.45 25.72
C ASP A 181 9.79 4.54 24.40
N PHE A 182 10.29 3.81 23.39
CA PHE A 182 9.74 3.91 22.05
C PHE A 182 9.04 2.65 21.56
N SER A 183 9.17 1.54 22.27
CA SER A 183 8.50 0.31 21.84
C SER A 183 6.99 0.48 21.88
N SER A 184 6.48 1.17 22.90
CA SER A 184 5.05 1.15 23.20
C SER A 184 4.24 2.17 22.42
N VAL A 185 4.87 3.04 21.62
CA VAL A 185 4.13 3.81 20.64
C VAL A 185 3.74 2.91 19.47
N HIS A 186 4.65 2.02 19.08
CA HIS A 186 4.34 1.01 18.07
C HIS A 186 3.32 0.00 18.60
N LYS A 187 3.41 -0.31 19.89
CA LYS A 187 2.39 -1.17 20.50
C LYS A 187 1.08 -0.42 20.68
N GLY A 188 1.14 0.87 20.97
CA GLY A 188 -0.03 1.73 20.95
C GLY A 188 -0.62 2.09 22.30
N GLU A 189 0.07 1.81 23.41
CA GLU A 189 -0.48 2.07 24.73
C GLU A 189 -0.15 3.48 25.26
N LYS A 190 0.87 4.14 24.72
CA LYS A 190 1.20 5.49 25.17
C LYS A 190 1.51 6.37 23.97
N GLN A 191 1.33 7.67 24.17
CA GLN A 191 1.49 8.69 23.14
C GLN A 191 2.48 9.72 23.67
N VAL A 192 3.69 9.74 23.09
CA VAL A 192 4.80 10.51 23.63
C VAL A 192 4.99 11.78 22.82
N PHE A 193 5.13 12.91 23.52
CA PHE A 193 5.43 14.20 22.90
C PHE A 193 6.72 14.75 23.48
N ILE A 194 7.48 15.45 22.63
CA ILE A 194 8.71 16.12 23.03
C ILE A 194 8.58 17.60 22.70
N ALA A 195 9.11 18.45 23.59
CA ALA A 195 9.05 19.89 23.40
C ALA A 195 10.42 20.51 23.69
N ASN A 196 10.70 21.60 22.99
CA ASN A 196 11.91 22.39 23.21
C ASN A 196 11.51 23.83 23.55
N PHE A 197 12.02 24.33 24.68
CA PHE A 197 11.82 25.71 25.07
C PHE A 197 13.17 26.41 25.10
N ARG A 198 13.24 27.59 24.49
CA ARG A 198 14.46 28.39 24.45
C ARG A 198 14.15 29.75 25.07
N GLN A 199 14.67 29.99 26.27
CA GLN A 199 14.43 31.23 27.01
C GLN A 199 15.65 32.12 26.86
N VAL A 200 15.53 33.16 26.03
CA VAL A 200 16.65 34.02 25.65
C VAL A 200 16.55 35.32 26.43
N TYR A 201 17.61 35.66 27.16
CA TYR A 201 17.70 36.93 27.86
C TYR A 201 18.38 37.99 27.00
N TYR A 202 19.60 37.70 26.54
CA TYR A 202 20.33 38.60 25.65
C TYR A 202 21.05 37.77 24.60
N THR A 203 21.45 38.44 23.51
CA THR A 203 22.13 37.80 22.40
C THR A 203 23.32 38.66 21.99
N ALA A 204 24.47 38.02 21.83
CA ALA A 204 25.67 38.69 21.36
C ALA A 204 25.84 38.40 19.87
N SER A 205 25.74 39.45 19.05
CA SER A 205 25.83 39.33 17.60
C SER A 205 27.02 40.11 17.10
N VAL A 206 27.76 39.52 16.15
CA VAL A 206 28.97 40.13 15.62
C VAL A 206 28.61 41.08 14.50
N ASP A 207 29.23 42.26 14.50
CA ASP A 207 29.06 43.19 13.40
C ASP A 207 29.61 42.56 12.11
N SER A 208 28.94 42.83 11.00
CA SER A 208 29.40 42.31 9.72
C SER A 208 30.80 42.84 9.43
N PRO A 209 31.76 41.98 9.10
CA PRO A 209 33.12 42.46 8.85
C PRO A 209 33.20 43.30 7.59
N ASN A 210 34.07 44.31 7.62
CA ASN A 210 34.26 45.17 6.46
C ASN A 210 34.69 44.38 5.24
N SER A 211 35.22 43.18 5.44
CA SER A 211 35.71 42.36 4.35
C SER A 211 35.98 40.96 4.89
N PRO A 212 35.91 39.92 4.07
CA PRO A 212 36.27 38.58 4.56
C PRO A 212 37.64 38.51 5.19
N SER A 213 38.63 39.21 4.61
CA SER A 213 39.97 39.22 5.18
C SER A 213 39.96 39.72 6.63
N ALA A 214 39.04 40.63 6.96
CA ALA A 214 38.98 41.17 8.32
C ALA A 214 38.91 40.06 9.35
N LEU A 215 38.23 38.96 9.03
CA LEU A 215 38.11 37.83 9.94
C LEU A 215 39.40 37.04 10.07
N PHE A 216 40.40 37.30 9.22
CA PHE A 216 41.68 36.63 9.29
C PHE A 216 42.78 37.65 9.56
N GLY A 217 43.74 37.28 10.41
CA GLY A 217 44.69 38.23 10.94
C GLY A 217 45.90 38.49 10.05
N SER A 218 47.02 37.88 10.40
CA SER A 218 48.29 38.11 9.71
C SER A 218 48.16 37.92 8.20
N GLY A 219 49.24 38.15 7.48
CA GLY A 219 49.24 38.01 6.03
C GLY A 219 48.80 36.64 5.57
N ILE A 220 47.53 36.32 5.80
CA ILE A 220 46.98 35.04 5.36
C ILE A 220 46.75 35.11 3.85
N THR A 221 47.13 34.06 3.15
CA THR A 221 46.98 33.95 1.70
C THR A 221 45.83 33.01 1.39
N PRO A 222 45.36 32.98 0.13
CA PRO A 222 44.38 31.95 -0.23
C PRO A 222 44.92 30.54 -0.11
N THR A 223 46.25 30.36 -0.24
CA THR A 223 46.82 29.02 -0.23
C THR A 223 46.60 28.32 1.11
N ASP A 224 47.03 28.96 2.20
CA ASP A 224 46.97 28.30 3.50
C ASP A 224 45.55 27.94 3.91
N LEU A 225 44.53 28.59 3.35
CA LEU A 225 43.16 28.18 3.62
C LEU A 225 42.79 26.91 2.86
N ILE A 226 43.42 26.66 1.72
CA ILE A 226 43.11 25.45 0.95
C ILE A 226 43.68 24.23 1.64
N ASN A 227 44.84 24.35 2.30
CA ASN A 227 45.38 23.24 3.06
C ASN A 227 44.43 22.84 4.19
N ARG A 228 43.86 23.81 4.89
CA ARG A 228 42.92 23.54 5.97
C ARG A 228 41.56 23.04 5.47
N GLY A 229 41.39 22.89 4.16
CA GLY A 229 40.15 22.36 3.63
C GLY A 229 39.06 23.38 3.38
N VAL A 230 39.41 24.66 3.33
CA VAL A 230 38.42 25.73 3.11
C VAL A 230 38.26 25.89 1.60
N ASN A 231 37.14 25.42 1.07
CA ASN A 231 36.88 25.42 -0.37
C ASN A 231 35.38 25.39 -0.57
N SER A 232 34.96 25.14 -1.82
CA SER A 232 33.53 25.14 -2.14
C SER A 232 32.83 23.95 -1.51
N LYS A 233 33.47 22.77 -1.50
CA LYS A 233 32.87 21.62 -0.85
C LYS A 233 32.53 21.95 0.60
N THR A 234 33.43 22.65 1.28
CA THR A 234 33.28 23.00 2.69
C THR A 234 33.62 24.48 2.84
N PRO A 235 32.69 25.37 2.49
CA PRO A 235 32.97 26.81 2.57
C PRO A 235 33.07 27.26 4.02
N PRO A 236 33.69 28.40 4.28
CA PRO A 236 33.82 28.90 5.65
C PRO A 236 32.59 29.66 6.13
N VAL A 237 32.33 29.52 7.43
CA VAL A 237 31.25 30.22 8.12
C VAL A 237 31.77 30.70 9.46
N TYR A 238 31.08 31.69 10.03
CA TYR A 238 31.42 32.21 11.34
C TYR A 238 30.16 32.32 12.18
N VAL A 239 30.30 32.04 13.48
CA VAL A 239 29.21 32.16 14.44
C VAL A 239 28.76 33.62 14.48
N SER A 240 27.62 33.91 13.85
CA SER A 240 27.15 35.29 13.77
C SER A 240 26.52 35.76 15.06
N ASN A 241 25.71 34.90 15.70
CA ASN A 241 25.04 35.24 16.93
C ASN A 241 25.12 34.08 17.90
N VAL A 242 25.18 34.40 19.19
CA VAL A 242 25.11 33.43 20.27
C VAL A 242 24.07 33.91 21.27
N SER A 243 23.14 33.03 21.64
CA SER A 243 22.04 33.36 22.53
C SER A 243 22.31 32.77 23.91
N TYR A 244 22.16 33.58 24.94
CA TYR A 244 22.38 33.17 26.31
C TYR A 244 21.06 33.15 27.07
N GLY A 245 20.98 32.27 28.05
CA GLY A 245 19.77 32.15 28.85
C GLY A 245 19.50 30.73 29.28
N ARG A 246 18.27 30.27 29.07
CA ARG A 246 17.84 28.94 29.49
C ARG A 246 17.12 28.23 28.35
N ALA A 247 17.39 26.93 28.25
CA ALA A 247 16.69 26.09 27.28
C ALA A 247 16.51 24.72 27.91
N MET A 248 15.38 24.07 27.61
CA MET A 248 15.02 22.80 28.22
C MET A 248 14.37 21.90 27.20
N TYR A 249 14.68 20.62 27.27
CA TYR A 249 13.96 19.57 26.55
C TYR A 249 13.07 18.83 27.55
N VAL A 250 11.80 18.65 27.20
CA VAL A 250 10.84 17.99 28.07
C VAL A 250 10.07 16.95 27.27
N LYS A 251 9.69 15.87 27.95
CA LYS A 251 8.89 14.80 27.38
C LYS A 251 7.53 14.72 28.06
N PHE A 252 6.52 14.36 27.28
CA PHE A 252 5.17 14.10 27.77
C PHE A 252 4.77 12.69 27.37
N GLU A 253 4.33 11.89 28.34
CA GLU A 253 3.91 10.51 28.11
C GLU A 253 2.43 10.39 28.47
N THR A 254 1.59 10.16 27.46
CA THR A 254 0.15 10.16 27.63
C THR A 254 -0.44 8.83 27.16
N THR A 255 -1.61 8.48 27.70
CA THR A 255 -2.35 7.29 27.29
C THR A 255 -3.61 7.62 26.50
N SER A 256 -4.15 8.83 26.62
CA SER A 256 -5.30 9.22 25.84
C SER A 256 -4.97 9.25 24.35
N LYS A 257 -6.02 9.12 23.53
CA LYS A 257 -5.88 9.08 22.08
C LYS A 257 -6.44 10.32 21.40
N SER A 258 -6.60 11.42 22.13
CA SER A 258 -7.11 12.65 21.55
C SER A 258 -6.18 13.14 20.45
N THR A 259 -6.79 13.57 19.33
CA THR A 259 -6.04 14.18 18.24
C THR A 259 -5.70 15.64 18.52
N LYS A 260 -6.02 16.14 19.73
CA LYS A 260 -5.78 17.52 20.10
C LYS A 260 -4.82 17.65 21.29
N VAL A 261 -4.04 16.61 21.58
CA VAL A 261 -3.10 16.68 22.69
C VAL A 261 -2.11 17.81 22.49
N GLN A 262 -1.73 18.08 21.24
CA GLN A 262 -0.84 19.20 20.97
C GLN A 262 -1.45 20.52 21.39
N ALA A 263 -2.79 20.62 21.37
CA ALA A 263 -3.45 21.86 21.76
C ALA A 263 -3.33 22.09 23.27
N ALA A 264 -3.50 21.02 24.07
CA ALA A 264 -3.32 21.17 25.51
C ALA A 264 -1.92 21.65 25.85
N ILE A 265 -0.93 21.33 25.02
CA ILE A 265 0.43 21.81 25.26
C ILE A 265 0.50 23.31 25.00
N ASP A 266 0.02 23.75 23.84
CA ASP A 266 0.06 25.17 23.51
C ASP A 266 -0.69 26.00 24.54
N ALA A 267 -1.82 25.48 25.05
CA ALA A 267 -2.57 26.20 26.07
C ALA A 267 -1.69 26.55 27.27
N VAL A 268 -0.87 25.59 27.73
CA VAL A 268 0.04 25.85 28.84
C VAL A 268 1.22 26.73 28.45
N VAL A 269 1.38 27.03 27.17
CA VAL A 269 2.34 28.01 26.70
C VAL A 269 1.55 29.20 26.17
N LYS A 270 1.05 30.04 27.08
CA LYS A 270 0.27 31.20 26.70
C LYS A 270 0.67 32.40 27.56
N GLU A 281 -9.18 22.48 21.40
CA GLU A 281 -8.19 22.65 22.46
C GLU A 281 -8.71 22.06 23.78
N ASN A 282 -8.45 20.76 23.99
CA ASN A 282 -8.87 20.09 25.22
C ASN A 282 -8.00 20.59 26.38
N ILE A 283 -8.22 20.01 27.57
CA ILE A 283 -7.59 20.53 28.78
C ILE A 283 -7.23 19.41 29.76
N LEU A 284 -8.13 19.09 30.69
CA LEU A 284 -7.77 18.32 31.89
C LEU A 284 -7.06 17.02 31.52
N LYS A 285 -6.01 16.71 32.28
CA LYS A 285 -5.19 15.53 32.02
C LYS A 285 -4.09 15.39 33.07
N ASN A 286 -3.97 14.21 33.67
CA ASN A 286 -2.90 13.88 34.60
C ASN A 286 -1.93 12.92 33.92
N THR A 287 -0.73 13.42 33.62
CA THR A 287 0.32 12.67 32.95
C THR A 287 1.57 12.60 33.82
N LYS A 288 2.58 11.91 33.31
CA LYS A 288 3.92 11.91 33.88
C LYS A 288 4.84 12.78 33.03
N ILE A 289 5.76 13.49 33.68
CA ILE A 289 6.65 14.42 33.01
C ILE A 289 8.09 14.10 33.38
N CYS A 290 9.00 14.37 32.45
CA CYS A 290 10.43 14.30 32.72
C CYS A 290 11.11 15.35 31.86
N ALA A 291 11.98 16.16 32.47
CA ALA A 291 12.60 17.29 31.80
C ALA A 291 14.10 17.31 32.07
N VAL A 292 14.85 17.84 31.10
CA VAL A 292 16.26 18.11 31.24
C VAL A 292 16.48 19.59 30.90
N VAL A 293 17.20 20.29 31.76
CA VAL A 293 17.33 21.74 31.67
C VAL A 293 18.78 22.12 31.46
N LEU A 294 19.00 23.15 30.67
CA LEU A 294 20.32 23.75 30.50
C LEU A 294 20.18 25.25 30.70
N GLY A 295 20.97 25.81 31.61
CA GLY A 295 20.92 27.22 31.92
C GLY A 295 20.27 27.56 33.24
N GLY A 296 19.79 26.57 33.99
CA GLY A 296 19.16 26.84 35.27
C GLY A 296 20.01 27.68 36.19
N ASN A 297 19.44 28.10 37.32
CA ASN A 297 20.20 28.88 38.29
C ASN A 297 20.73 27.92 39.36
N PRO A 298 22.02 27.54 39.31
CA PRO A 298 22.56 26.61 40.32
C PRO A 298 22.06 26.87 41.73
N GLY A 299 22.08 25.81 42.55
CA GLY A 299 21.39 25.81 43.82
C GLY A 299 20.17 24.92 43.74
N GLU A 300 19.37 25.12 42.69
CA GLU A 300 18.20 24.28 42.43
C GLU A 300 18.01 24.23 40.92
N ALA A 301 18.21 23.05 40.33
CA ALA A 301 18.03 22.88 38.89
C ALA A 301 18.20 21.41 38.50
N SER A 302 18.79 21.15 37.32
CA SER A 302 19.08 19.79 36.85
C SER A 302 17.83 19.11 36.32
N LYS A 303 17.98 17.88 35.83
CA LYS A 303 16.86 17.12 35.31
C LYS A 303 15.85 16.84 36.42
N VAL A 304 14.57 16.99 36.10
CA VAL A 304 13.48 16.82 37.07
C VAL A 304 12.43 15.92 36.44
N CYS A 305 12.40 14.66 36.86
CA CYS A 305 11.30 13.77 36.56
C CYS A 305 10.20 13.96 37.60
N THR A 306 8.96 13.71 37.19
CA THR A 306 7.74 13.89 37.99
C THR A 306 7.18 15.29 37.82
N GLY A 307 6.00 15.55 38.37
CA GLY A 307 5.32 16.82 38.20
C GLY A 307 4.15 16.69 37.26
N ASN A 308 3.06 17.40 37.53
CA ASN A 308 1.85 17.33 36.72
C ASN A 308 1.54 18.73 36.20
N ILE A 309 1.82 18.95 34.91
CA ILE A 309 1.61 20.20 34.19
C ILE A 309 1.88 21.46 35.02
N ASP A 310 1.23 21.61 36.17
CA ASP A 310 1.41 22.82 36.96
C ASP A 310 2.87 22.97 37.41
N THR A 311 3.49 21.88 37.84
CA THR A 311 4.93 21.90 38.11
C THR A 311 5.70 22.34 36.86
N LEU A 312 5.27 21.89 35.69
CA LEU A 312 5.92 22.30 34.45
C LEU A 312 5.70 23.79 34.19
N LYS A 313 4.46 24.26 34.30
CA LYS A 313 4.17 25.65 33.98
C LYS A 313 5.01 26.61 34.82
N ASP A 314 5.33 26.22 36.05
CA ASP A 314 6.21 27.06 36.87
C ASP A 314 7.63 27.05 36.34
N LEU A 315 8.09 25.90 35.82
CA LEU A 315 9.42 25.85 35.21
C LEU A 315 9.51 26.76 34.00
N ILE A 316 8.50 26.74 33.14
CA ILE A 316 8.43 27.70 32.04
C ILE A 316 8.37 29.12 32.59
N GLN A 317 7.80 29.29 33.78
CA GLN A 317 7.68 30.61 34.40
C GLN A 317 8.90 30.98 35.22
N LYS A 318 9.54 30.01 35.88
CA LYS A 318 10.65 30.32 36.78
C LYS A 318 11.83 30.93 36.03
N GLY A 319 11.87 30.80 34.70
CA GLY A 319 12.92 31.41 33.91
C GLY A 319 12.44 32.52 33.00
N SER A 320 11.32 33.15 33.36
CA SER A 320 10.76 34.21 32.53
C SER A 320 11.59 35.48 32.57
N ASN A 321 12.53 35.61 33.50
CA ASN A 321 13.29 36.85 33.67
C ASN A 321 14.72 36.54 34.06
N PHE A 322 15.63 37.39 33.60
CA PHE A 322 17.04 37.27 33.96
C PHE A 322 17.21 37.54 35.45
N SER A 323 17.66 36.53 36.19
CA SER A 323 17.81 36.67 37.63
C SER A 323 18.89 37.70 38.00
N ALA A 324 19.92 37.83 37.17
CA ALA A 324 21.04 38.77 37.36
C ALA A 324 22.01 38.28 38.43
N GLN A 325 21.92 37.02 38.86
CA GLN A 325 22.88 36.49 39.82
C GLN A 325 24.28 36.40 39.21
N SER A 326 24.39 36.12 37.92
CA SER A 326 25.65 35.89 37.25
C SER A 326 25.44 36.03 35.75
N PRO A 327 26.48 35.89 34.94
CA PRO A 327 26.28 35.95 33.48
C PRO A 327 25.68 34.66 32.95
N ALA A 328 24.84 34.81 31.94
CA ALA A 328 24.08 33.69 31.42
C ALA A 328 24.97 32.74 30.63
N VAL A 329 24.46 31.53 30.42
CA VAL A 329 25.15 30.48 29.69
C VAL A 329 24.61 30.43 28.26
N PRO A 330 25.44 30.17 27.25
CA PRO A 330 24.93 30.11 25.87
C PRO A 330 24.08 28.86 25.64
N ILE A 331 22.98 29.03 24.91
CA ILE A 331 22.05 27.93 24.71
C ILE A 331 21.89 27.68 23.21
N SER A 332 21.95 28.74 22.43
CA SER A 332 21.74 28.61 21.00
C SER A 332 22.61 29.63 20.26
N TYR A 333 22.97 29.28 19.03
CA TYR A 333 23.81 30.14 18.20
C TYR A 333 23.35 30.07 16.75
N THR A 334 23.91 30.97 15.94
CA THR A 334 23.59 31.07 14.52
C THR A 334 24.87 31.26 13.74
N THR A 335 24.96 30.61 12.57
CA THR A 335 26.12 30.70 11.70
C THR A 335 25.76 31.46 10.43
N SER A 336 26.77 32.09 9.84
CA SER A 336 26.59 32.86 8.61
C SER A 336 27.75 32.57 7.67
N PHE A 337 27.51 32.78 6.39
CA PHE A 337 28.52 32.55 5.37
C PHE A 337 29.49 33.73 5.31
N VAL A 338 30.78 33.43 5.30
CA VAL A 338 31.79 34.49 5.21
C VAL A 338 31.71 35.20 3.86
N LYS A 339 31.32 34.48 2.82
CA LYS A 339 31.29 35.05 1.47
C LYS A 339 30.37 36.26 1.41
N ASP A 340 29.08 36.07 1.73
CA ASP A 340 28.08 37.10 1.54
C ASP A 340 27.40 37.52 2.85
N ASN A 341 27.84 37.01 4.00
CA ASN A 341 27.26 37.37 5.30
C ASN A 341 25.76 37.11 5.32
N SER A 342 25.37 35.91 4.87
CA SER A 342 23.99 35.47 4.89
C SER A 342 23.80 34.45 5.99
N ILE A 343 22.55 34.30 6.43
CA ILE A 343 22.24 33.41 7.53
C ILE A 343 22.17 31.98 6.99
N ALA A 344 22.90 31.07 7.63
CA ALA A 344 23.00 29.70 7.17
C ALA A 344 21.87 28.86 7.76
N THR A 345 21.14 28.18 6.90
CA THR A 345 20.06 27.29 7.31
C THR A 345 20.53 25.85 7.24
N ILE A 346 20.18 25.07 8.25
CA ILE A 346 20.45 23.63 8.29
C ILE A 346 19.14 22.88 8.12
N GLN A 347 19.11 22.00 7.13
CA GLN A 347 17.89 21.28 6.74
C GLN A 347 18.12 19.79 6.94
N ASN A 348 17.30 19.18 7.79
CA ASN A 348 17.40 17.75 8.09
C ASN A 348 16.17 17.04 7.54
N ASN A 349 16.39 16.02 6.72
CA ASN A 349 15.31 15.25 6.10
C ASN A 349 15.50 13.77 6.41
N THR A 350 14.38 13.06 6.53
CA THR A 350 14.42 11.64 6.83
C THR A 350 13.02 11.06 6.68
N ASP A 351 12.95 9.74 6.63
CA ASP A 351 11.70 9.00 6.69
C ASP A 351 11.63 8.24 8.01
N TYR A 352 10.42 7.82 8.36
CA TYR A 352 10.21 7.12 9.63
C TYR A 352 8.87 6.42 9.60
N ILE A 353 8.73 5.43 10.50
CA ILE A 353 7.50 4.66 10.63
C ILE A 353 6.57 5.35 11.63
N GLU A 354 5.43 5.83 11.14
CA GLU A 354 4.49 6.60 11.94
C GLU A 354 3.35 5.69 12.40
N THR A 355 3.40 5.30 13.67
CA THR A 355 2.32 4.52 14.28
C THR A 355 1.24 5.47 14.78
N LYS A 356 -0.01 5.14 14.50
CA LYS A 356 -1.14 5.98 14.85
C LYS A 356 -2.26 5.10 15.36
N VAL A 357 -2.95 5.56 16.39
CA VAL A 357 -4.08 4.86 16.98
C VAL A 357 -5.33 5.71 16.77
N THR A 358 -6.41 5.06 16.33
CA THR A 358 -7.67 5.73 16.05
C THR A 358 -8.81 4.84 16.49
N SER A 359 -9.70 5.39 17.32
CA SER A 359 -10.82 4.66 17.89
C SER A 359 -12.12 5.11 17.23
N TYR A 360 -12.95 4.14 16.85
CA TYR A 360 -14.28 4.41 16.32
C TYR A 360 -15.30 3.93 17.35
N LYS A 361 -16.10 4.85 17.87
CA LYS A 361 -17.09 4.52 18.88
C LYS A 361 -18.26 3.78 18.25
N ASP A 362 -19.14 3.26 19.09
CA ASP A 362 -20.39 2.69 18.61
C ASP A 362 -21.37 3.80 18.28
N GLY A 363 -22.16 3.58 17.22
CA GLY A 363 -23.07 4.58 16.72
C GLY A 363 -24.51 4.08 16.69
N ALA A 364 -25.40 5.00 16.31
CA ALA A 364 -26.82 4.69 16.20
C ALA A 364 -27.47 5.71 15.29
N LEU A 365 -28.38 5.24 14.45
CA LEU A 365 -29.12 6.11 13.54
C LEU A 365 -30.60 5.84 13.72
N THR A 366 -31.35 6.87 14.09
CA THR A 366 -32.79 6.78 14.30
C THR A 366 -33.51 7.41 13.12
N LEU A 367 -34.44 6.68 12.54
CA LEU A 367 -35.28 7.19 11.45
C LEU A 367 -36.68 7.44 11.98
N ASN A 368 -37.20 8.64 11.71
CA ASN A 368 -38.53 9.03 12.15
C ASN A 368 -39.33 9.56 10.96
N HIS A 369 -40.63 9.25 10.94
CA HIS A 369 -41.53 9.74 9.90
C HIS A 369 -42.84 10.14 10.54
N ASP A 370 -43.16 11.44 10.48
CA ASP A 370 -44.40 11.97 11.05
C ASP A 370 -45.11 12.82 9.98
N GLY A 371 -45.49 12.17 8.89
CA GLY A 371 -46.27 12.81 7.86
C GLY A 371 -47.35 11.88 7.38
N ALA A 372 -48.38 12.47 6.77
CA ALA A 372 -49.52 11.71 6.27
C ALA A 372 -49.25 11.18 4.87
N PHE A 373 -47.98 10.90 4.56
CA PHE A 373 -47.54 10.68 3.18
C PHE A 373 -46.68 9.43 3.11
N VAL A 374 -46.84 8.67 2.05
CA VAL A 374 -46.19 7.37 1.93
C VAL A 374 -44.70 7.58 1.72
N ALA A 375 -43.89 7.00 2.60
CA ALA A 375 -42.44 7.10 2.51
C ALA A 375 -41.83 5.72 2.38
N ARG A 376 -40.73 5.65 1.64
CA ARG A 376 -39.99 4.40 1.42
C ARG A 376 -38.52 4.68 1.62
N PHE A 377 -37.86 3.89 2.46
CA PHE A 377 -36.46 4.11 2.80
C PHE A 377 -35.57 3.05 2.17
N TYR A 378 -34.37 3.47 1.79
CA TYR A 378 -33.30 2.55 1.41
C TYR A 378 -32.01 3.00 2.08
N VAL A 379 -31.29 2.05 2.64
CA VAL A 379 -30.12 2.34 3.48
C VAL A 379 -29.14 1.19 3.35
N TYR A 380 -27.87 1.51 3.06
CA TYR A 380 -26.84 0.51 2.88
C TYR A 380 -25.57 0.99 3.58
N TRP A 381 -24.66 0.05 3.80
CA TRP A 381 -23.38 0.35 4.44
C TRP A 381 -22.46 -0.86 4.23
N GLU A 382 -21.27 -0.78 4.81
CA GLU A 382 -20.28 -1.83 4.70
C GLU A 382 -19.64 -2.07 6.06
N GLU A 383 -19.28 -3.33 6.33
CA GLU A 383 -18.72 -3.73 7.61
C GLU A 383 -17.38 -4.43 7.38
N LEU A 384 -16.36 -4.02 8.14
CA LEU A 384 -15.04 -4.62 8.07
C LEU A 384 -14.96 -5.79 9.04
N GLY A 385 -14.24 -6.84 8.64
CA GLY A 385 -14.10 -8.02 9.46
C GLY A 385 -12.82 -8.74 9.12
N HIS A 386 -12.53 -9.79 9.88
CA HIS A 386 -11.32 -10.59 9.72
C HIS A 386 -11.71 -12.02 9.35
N ASP A 387 -11.17 -12.51 8.23
CA ASP A 387 -11.40 -13.88 7.82
C ASP A 387 -10.54 -14.82 8.68
N ALA A 388 -10.48 -16.10 8.30
CA ALA A 388 -9.68 -17.05 9.07
C ALA A 388 -8.20 -16.73 8.99
N ASP A 389 -7.73 -16.28 7.83
CA ASP A 389 -6.32 -15.95 7.68
C ASP A 389 -5.92 -14.73 8.51
N GLY A 390 -6.85 -13.79 8.70
CA GLY A 390 -6.58 -12.59 9.45
C GLY A 390 -6.55 -11.31 8.64
N TYR A 391 -6.85 -11.36 7.34
CA TYR A 391 -6.83 -10.20 6.48
C TYR A 391 -8.16 -9.45 6.58
N GLU A 392 -8.10 -8.13 6.37
CA GLU A 392 -9.29 -7.30 6.53
C GLU A 392 -10.28 -7.58 5.41
N THR A 393 -11.52 -7.88 5.81
CA THR A 393 -12.58 -8.23 4.88
C THR A 393 -13.56 -7.07 4.74
N ILE A 394 -14.48 -7.22 3.78
CA ILE A 394 -15.56 -6.26 3.57
C ILE A 394 -16.84 -7.04 3.31
N ARG A 395 -17.90 -6.70 4.03
CA ARG A 395 -19.22 -7.28 3.84
C ARG A 395 -20.20 -6.16 3.54
N SER A 396 -20.63 -6.06 2.29
CA SER A 396 -21.65 -5.08 1.93
C SER A 396 -23.00 -5.53 2.48
N ARG A 397 -23.64 -4.66 3.25
CA ARG A 397 -24.87 -5.00 3.94
C ARG A 397 -25.89 -3.87 3.77
N SER A 398 -27.16 -4.25 3.89
CA SER A 398 -28.28 -3.33 3.78
C SER A 398 -29.27 -3.59 4.91
N TRP A 399 -30.11 -2.60 5.18
CA TRP A 399 -31.07 -2.70 6.27
C TRP A 399 -32.30 -3.48 5.82
N SER A 400 -32.81 -4.33 6.73
CA SER A 400 -33.99 -5.13 6.43
C SER A 400 -35.21 -4.27 6.18
N GLY A 401 -35.35 -3.18 6.94
CA GLY A 401 -36.48 -2.30 6.77
C GLY A 401 -36.49 -1.42 5.53
N ASN A 402 -35.60 -1.67 4.57
CA ASN A 402 -35.61 -0.93 3.32
C ASN A 402 -36.50 -1.61 2.30
N GLY A 403 -37.07 -0.81 1.41
CA GLY A 403 -37.95 -1.36 0.39
C GLY A 403 -39.33 -1.73 0.90
N TYR A 404 -39.80 -1.06 1.95
CA TYR A 404 -41.13 -1.29 2.49
C TYR A 404 -41.82 0.05 2.72
N ASN A 405 -43.15 0.00 2.78
CA ASN A 405 -43.97 1.19 2.92
C ASN A 405 -44.10 1.56 4.39
N ARG A 406 -44.01 2.85 4.68
CA ARG A 406 -44.00 3.35 6.05
C ARG A 406 -45.10 4.38 6.25
N GLY A 407 -45.57 4.48 7.50
CA GLY A 407 -46.78 5.21 7.81
C GLY A 407 -46.61 6.46 8.66
N ALA A 408 -47.62 6.75 9.48
CA ALA A 408 -47.71 8.03 10.16
C ALA A 408 -46.74 8.13 11.34
N HIS A 409 -46.76 7.16 12.24
CA HIS A 409 -45.93 7.19 13.45
C HIS A 409 -44.90 6.06 13.37
N TYR A 410 -43.94 6.22 12.49
CA TYR A 410 -42.89 5.23 12.27
C TYR A 410 -41.59 5.71 12.88
N SER A 411 -40.98 4.87 13.72
CA SER A 411 -39.70 5.18 14.34
C SER A 411 -38.94 3.88 14.60
N THR A 412 -37.72 3.81 14.08
CA THR A 412 -36.89 2.62 14.25
C THR A 412 -35.43 3.05 14.40
N THR A 413 -34.69 2.30 15.20
CA THR A 413 -33.32 2.64 15.55
C THR A 413 -32.36 1.58 15.01
N LEU A 414 -31.35 2.02 14.28
CA LEU A 414 -30.30 1.16 13.79
C LEU A 414 -29.04 1.40 14.61
N ARG A 415 -28.46 0.33 15.14
CA ARG A 415 -27.32 0.44 16.06
C ARG A 415 -26.11 -0.19 15.37
N PHE A 416 -25.23 0.67 14.84
CA PHE A 416 -24.01 0.22 14.17
C PHE A 416 -22.87 0.15 15.17
N LYS A 417 -21.96 -0.79 14.93
CA LYS A 417 -20.72 -0.88 15.70
C LYS A 417 -19.63 -0.07 14.99
N GLY A 418 -18.42 -0.08 15.58
CA GLY A 418 -17.37 0.80 15.12
C GLY A 418 -16.77 0.43 13.76
N ASN A 419 -17.00 -0.79 13.29
CA ASN A 419 -16.42 -1.26 12.02
C ASN A 419 -17.41 -1.06 10.88
N VAL A 420 -17.77 0.21 10.65
CA VAL A 420 -18.78 0.57 9.66
C VAL A 420 -18.32 1.83 8.93
N ARG A 421 -18.35 1.78 7.60
CA ARG A 421 -18.00 2.94 6.78
C ARG A 421 -18.91 2.98 5.56
N ASN A 422 -18.91 4.13 4.89
CA ASN A 422 -19.68 4.33 3.66
C ASN A 422 -21.16 4.03 3.88
N ILE A 423 -21.75 4.76 4.83
CA ILE A 423 -23.19 4.67 5.11
C ILE A 423 -23.94 5.56 4.14
N ARG A 424 -24.90 4.97 3.43
CA ARG A 424 -25.68 5.68 2.43
C ARG A 424 -27.15 5.70 2.85
N VAL A 425 -27.83 6.79 2.51
CA VAL A 425 -29.22 6.98 2.87
C VAL A 425 -29.98 7.42 1.63
N LYS A 426 -30.83 6.53 1.11
CA LYS A 426 -31.82 6.90 0.11
C LYS A 426 -33.17 6.97 0.80
N VAL A 427 -33.98 7.94 0.42
CA VAL A 427 -35.29 8.14 1.04
C VAL A 427 -36.21 8.80 0.02
N LEU A 428 -37.37 8.20 -0.20
CA LEU A 428 -38.31 8.69 -1.20
C LEU A 428 -39.74 8.52 -0.67
N GLY A 429 -40.63 9.35 -1.20
CA GLY A 429 -42.02 9.31 -0.83
C GLY A 429 -42.95 9.14 -2.01
N ALA A 430 -44.08 9.84 -2.00
CA ALA A 430 -45.05 9.78 -3.08
C ALA A 430 -45.69 11.14 -3.26
N THR A 431 -45.87 11.55 -4.51
CA THR A 431 -46.45 12.85 -4.83
C THR A 431 -47.71 12.67 -5.68
N PRO A 437 -46.18 7.13 -8.17
CA PRO A 437 -44.76 6.79 -8.31
C PRO A 437 -43.97 7.14 -7.04
N TRP A 438 -42.65 7.23 -7.16
CA TRP A 438 -41.77 7.50 -6.03
C TRP A 438 -40.95 8.76 -6.31
N ARG A 439 -40.61 9.49 -5.24
CA ARG A 439 -39.96 10.79 -5.37
C ARG A 439 -38.99 11.01 -4.22
N LEU A 440 -37.82 11.57 -4.55
CA LEU A 440 -36.73 11.76 -3.58
C LEU A 440 -37.01 12.96 -2.70
N ILE A 441 -36.58 12.88 -1.42
CA ILE A 441 -36.76 14.03 -0.53
C ILE A 441 -35.44 14.33 0.17
N TYR A 442 -34.48 13.41 0.04
CA TYR A 442 -33.19 13.58 0.68
C TYR A 442 -32.28 12.46 0.25
N SER A 443 -31.00 12.78 0.17
CA SER A 443 -29.97 11.82 -0.21
C SER A 443 -28.62 12.27 0.31
N LYS A 444 -27.90 11.35 0.95
CA LYS A 444 -26.54 11.59 1.43
C LYS A 444 -25.73 10.30 1.33
N ASN A 445 -24.41 10.45 1.39
CA ASN A 445 -23.48 9.32 1.26
C ASN A 445 -22.36 9.46 2.28
N ASP A 446 -21.86 8.31 2.75
CA ASP A 446 -20.73 8.25 3.68
C ASP A 446 -20.97 9.16 4.88
N LEU A 447 -22.12 8.96 5.52
CA LEU A 447 -22.44 9.73 6.71
C LEU A 447 -21.56 9.27 7.87
N PRO A 448 -20.86 10.17 8.56
CA PRO A 448 -20.03 9.73 9.68
C PRO A 448 -20.86 9.02 10.73
N LEU A 449 -20.21 8.11 11.45
CA LEU A 449 -20.86 7.32 12.50
C LEU A 449 -20.85 8.14 13.80
N VAL A 450 -21.85 9.01 13.92
CA VAL A 450 -22.01 9.85 15.11
C VAL A 450 -22.71 9.00 16.16
N PRO A 451 -22.47 9.22 17.46
CA PRO A 451 -23.22 8.48 18.47
C PRO A 451 -24.73 8.47 18.26
N GLN A 452 -25.29 9.51 17.64
CA GLN A 452 -26.72 9.57 17.42
C GLN A 452 -27.04 10.61 16.36
N ARG A 453 -27.75 10.18 15.32
CA ARG A 453 -28.25 11.08 14.29
C ARG A 453 -29.69 10.72 13.99
N ASN A 454 -30.55 11.73 13.94
CA ASN A 454 -31.98 11.54 13.76
C ASN A 454 -32.41 12.14 12.44
N ILE A 455 -33.05 11.33 11.59
CA ILE A 455 -33.57 11.76 10.31
C ILE A 455 -35.09 11.76 10.38
N SER A 456 -35.72 12.84 9.94
CA SER A 456 -37.14 13.03 10.12
C SER A 456 -37.77 13.49 8.82
N THR A 457 -39.11 13.57 8.83
CA THR A 457 -39.88 14.02 7.68
C THR A 457 -41.25 14.48 8.16
N TRP A 458 -41.85 15.39 7.39
CA TRP A 458 -43.16 15.96 7.74
C TRP A 458 -43.63 16.97 6.68
N GLY A 459 -44.83 17.54 6.83
CA GLY A 459 -45.26 18.61 5.94
C GLY A 459 -46.52 18.30 5.15
N THR A 460 -46.48 18.54 3.83
CA THR A 460 -47.58 18.24 2.93
C THR A 460 -47.04 17.43 1.76
N THR A 461 -47.94 16.74 1.05
CA THR A 461 -47.52 16.03 -0.15
C THR A 461 -47.05 17.01 -1.22
N LEU A 462 -47.75 18.14 -1.35
CA LEU A 462 -47.30 19.21 -2.24
C LEU A 462 -45.97 19.78 -1.79
N HIS A 463 -45.74 19.84 -0.48
CA HIS A 463 -44.54 20.45 0.11
C HIS A 463 -43.98 19.49 1.16
N PRO A 464 -43.29 18.43 0.73
CA PRO A 464 -42.57 17.59 1.70
C PRO A 464 -41.42 18.34 2.34
N GLN A 465 -41.27 18.16 3.65
CA GLN A 465 -40.19 18.75 4.41
C GLN A 465 -39.48 17.66 5.19
N PHE A 466 -38.34 18.00 5.79
CA PHE A 466 -37.42 16.99 6.30
C PHE A 466 -36.39 17.65 7.21
N GLU A 467 -35.62 16.82 7.90
CA GLU A 467 -34.64 17.30 8.86
C GLU A 467 -33.53 16.27 9.00
N ASP A 468 -32.30 16.76 9.19
CA ASP A 468 -31.16 15.94 9.58
C ASP A 468 -30.52 16.62 10.79
N LYS A 469 -30.41 15.89 11.90
CA LYS A 469 -29.96 16.46 13.15
C LYS A 469 -28.93 15.53 13.80
N VAL A 470 -28.23 16.05 14.80
CA VAL A 470 -27.09 15.37 15.40
C VAL A 470 -27.08 15.68 16.89
N VAL A 471 -26.74 14.67 17.69
CA VAL A 471 -26.47 14.85 19.11
C VAL A 471 -25.65 13.65 19.61
N SER B 1 -58.48 -27.00 -21.31
CA SER B 1 -57.10 -27.47 -21.38
C SER B 1 -56.21 -26.43 -22.07
N GLU B 2 -56.61 -26.04 -23.28
CA GLU B 2 -55.88 -25.01 -24.00
C GLU B 2 -55.83 -23.71 -23.21
N ALA B 3 -56.88 -23.42 -22.44
CA ALA B 3 -56.89 -22.21 -21.62
C ALA B 3 -55.79 -22.26 -20.57
N ALA B 4 -55.56 -23.43 -19.98
CA ALA B 4 -54.54 -23.56 -18.93
C ALA B 4 -53.16 -23.20 -19.47
N LYS B 5 -52.88 -23.55 -20.73
CA LYS B 5 -51.56 -23.28 -21.28
C LYS B 5 -51.27 -21.78 -21.32
N LYS B 6 -52.22 -20.99 -21.81
CA LYS B 6 -52.03 -19.54 -21.84
C LYS B 6 -51.75 -19.00 -20.44
N ALA B 7 -52.53 -19.45 -19.45
CA ALA B 7 -52.31 -18.99 -18.07
C ALA B 7 -50.89 -19.30 -17.61
N LEU B 8 -50.35 -20.44 -18.04
CA LEU B 8 -49.03 -20.84 -17.59
C LEU B 8 -47.92 -20.09 -18.35
N ASN B 9 -48.10 -19.92 -19.67
CA ASN B 9 -47.13 -19.12 -20.43
C ASN B 9 -47.16 -17.66 -19.99
N ASP B 10 -48.35 -17.13 -19.71
CA ASP B 10 -48.45 -15.75 -19.25
C ASP B 10 -47.61 -15.55 -17.99
N TYR B 11 -47.74 -16.46 -17.02
CA TYR B 11 -47.02 -16.30 -15.75
C TYR B 11 -45.51 -16.32 -15.96
N ILE B 12 -45.02 -17.29 -16.74
CA ILE B 12 -43.57 -17.43 -16.91
C ILE B 12 -43.00 -16.22 -17.65
N TRP B 13 -43.65 -15.81 -18.73
CA TRP B 13 -43.17 -14.66 -19.48
C TRP B 13 -43.33 -13.37 -18.70
N GLY B 14 -44.29 -13.32 -17.78
CA GLY B 14 -44.50 -12.13 -16.97
C GLY B 14 -43.50 -11.92 -15.86
N LEU B 15 -42.56 -12.84 -15.68
CA LEU B 15 -41.57 -12.69 -14.62
C LEU B 15 -40.44 -11.79 -15.09
N GLN B 16 -39.90 -10.99 -14.16
CA GLN B 16 -38.87 -10.01 -14.46
C GLN B 16 -37.58 -10.36 -13.71
N TYR B 17 -36.47 -10.33 -14.44
CA TYR B 17 -35.16 -10.52 -13.83
C TYR B 17 -34.11 -9.98 -14.78
N ASP B 18 -32.88 -9.90 -14.29
CA ASP B 18 -31.73 -9.49 -15.09
C ASP B 18 -30.85 -10.73 -15.27
N LYS B 19 -31.09 -11.45 -16.37
CA LYS B 19 -30.45 -12.73 -16.64
C LYS B 19 -28.97 -12.76 -16.28
N LEU B 20 -28.30 -11.61 -16.36
CA LEU B 20 -26.85 -11.57 -16.31
C LEU B 20 -26.30 -11.45 -14.89
N ASN B 21 -27.14 -11.17 -13.88
CA ASN B 21 -26.64 -11.02 -12.51
C ASN B 21 -27.38 -11.86 -11.48
N ILE B 22 -28.40 -12.64 -11.85
CA ILE B 22 -29.09 -13.46 -10.86
C ILE B 22 -28.21 -14.62 -10.43
N LEU B 23 -27.51 -15.22 -11.39
CA LEU B 23 -26.65 -16.37 -11.11
C LEU B 23 -25.22 -15.91 -10.86
N THR B 24 -25.08 -15.08 -9.82
CA THR B 24 -23.81 -14.48 -9.44
C THR B 24 -23.50 -14.86 -8.01
N HIS B 25 -22.40 -15.58 -7.81
CA HIS B 25 -21.93 -15.97 -6.48
C HIS B 25 -20.83 -15.00 -6.07
N GLN B 26 -21.08 -14.20 -5.03
CA GLN B 26 -20.12 -13.21 -4.56
C GLN B 26 -19.40 -13.77 -3.33
N GLY B 27 -18.13 -14.08 -3.49
CA GLY B 27 -17.30 -14.55 -2.38
C GLY B 27 -16.86 -13.41 -1.51
N GLU B 28 -15.71 -13.60 -0.85
CA GLU B 28 -15.21 -12.60 0.08
C GLU B 28 -14.69 -11.37 -0.66
N LYS B 29 -15.00 -10.20 -0.10
CA LYS B 29 -14.42 -8.95 -0.55
C LYS B 29 -13.34 -8.54 0.46
N LEU B 30 -12.12 -8.34 -0.01
CA LEU B 30 -11.00 -7.97 0.85
C LEU B 30 -10.56 -6.55 0.56
N LYS B 31 -10.14 -5.85 1.61
CA LYS B 31 -9.54 -4.53 1.43
C LYS B 31 -8.15 -4.68 0.82
N ASN B 32 -7.77 -3.71 -0.01
CA ASN B 32 -6.47 -3.75 -0.66
C ASN B 32 -5.38 -4.04 0.37
N HIS B 33 -4.39 -4.84 -0.04
CA HIS B 33 -3.34 -5.26 0.88
C HIS B 33 -2.10 -5.61 0.04
N SER B 34 -1.25 -4.61 -0.19
CA SER B 34 0.00 -4.79 -0.90
C SER B 34 1.13 -4.92 0.14
N SER B 35 1.64 -6.14 0.30
CA SER B 35 2.73 -6.43 1.22
C SER B 35 3.89 -7.02 0.41
N ARG B 36 4.99 -7.33 1.10
CA ARG B 36 6.24 -7.64 0.42
C ARG B 36 7.26 -8.09 1.45
N GLU B 37 8.19 -8.93 1.01
CA GLU B 37 9.24 -9.45 1.87
C GLU B 37 10.42 -9.83 0.99
N ALA B 38 11.64 -9.51 1.43
CA ALA B 38 12.82 -9.71 0.61
C ALA B 38 13.98 -10.18 1.48
N PHE B 39 14.94 -10.83 0.83
CA PHE B 39 16.15 -11.31 1.48
C PHE B 39 17.13 -11.77 0.40
N HIS B 40 18.39 -11.85 0.79
CA HIS B 40 19.45 -12.19 -0.15
C HIS B 40 19.62 -13.70 -0.26
N ARG B 41 20.19 -14.12 -1.40
CA ARG B 41 20.55 -15.49 -1.64
C ARG B 41 21.65 -15.45 -2.68
N PRO B 42 22.71 -16.28 -2.55
CA PRO B 42 23.86 -16.15 -3.46
C PRO B 42 23.46 -16.07 -4.92
N GLY B 43 23.67 -14.89 -5.51
CA GLY B 43 23.42 -14.68 -6.92
C GLY B 43 22.06 -14.11 -7.25
N GLU B 44 21.21 -13.83 -6.26
CA GLU B 44 19.87 -13.35 -6.54
C GLU B 44 19.34 -12.62 -5.32
N TYR B 45 18.24 -11.89 -5.54
CA TYR B 45 17.52 -11.20 -4.46
C TYR B 45 16.07 -11.63 -4.54
N VAL B 46 15.60 -12.35 -3.52
CA VAL B 46 14.27 -12.94 -3.51
C VAL B 46 13.26 -11.93 -3.00
N VAL B 47 12.05 -11.97 -3.54
CA VAL B 47 10.97 -11.07 -3.17
C VAL B 47 9.68 -11.89 -3.12
N ILE B 48 9.16 -12.10 -1.91
CA ILE B 48 7.90 -12.81 -1.72
C ILE B 48 6.84 -11.73 -1.48
N GLU B 49 6.14 -11.35 -2.55
CA GLU B 49 5.13 -10.30 -2.49
C GLU B 49 3.74 -10.90 -2.31
N LYS B 50 2.89 -10.18 -1.57
CA LYS B 50 1.51 -10.62 -1.29
C LYS B 50 0.57 -9.46 -1.62
N LYS B 51 0.05 -9.45 -2.84
CA LYS B 51 -0.92 -8.46 -3.28
C LYS B 51 -2.34 -8.95 -2.99
N LYS B 52 -3.34 -8.22 -3.47
CA LYS B 52 -4.73 -8.62 -3.40
C LYS B 52 -5.33 -8.49 -4.79
N GLN B 53 -6.00 -9.53 -5.25
CA GLN B 53 -6.63 -9.54 -6.57
C GLN B 53 -8.06 -10.06 -6.46
N SER B 54 -8.82 -9.82 -7.53
CA SER B 54 -10.18 -10.29 -7.64
C SER B 54 -10.32 -11.12 -8.92
N ILE B 55 -10.85 -12.33 -8.78
CA ILE B 55 -11.07 -13.24 -9.90
C ILE B 55 -12.56 -13.36 -10.13
N SER B 56 -12.99 -13.10 -11.36
CA SER B 56 -14.38 -13.24 -11.77
C SER B 56 -14.44 -14.20 -12.95
N ASN B 57 -15.21 -15.27 -12.81
CA ASN B 57 -15.27 -16.33 -13.81
C ASN B 57 -16.72 -16.58 -14.19
N ALA B 58 -17.00 -16.61 -15.49
CA ALA B 58 -18.34 -16.85 -16.01
C ALA B 58 -18.31 -18.07 -16.91
N THR B 59 -19.15 -19.06 -16.61
CA THR B 59 -19.23 -20.28 -17.39
C THR B 59 -20.67 -20.79 -17.44
N SER B 60 -21.08 -21.23 -18.63
CA SER B 60 -22.36 -21.90 -18.79
C SER B 60 -22.22 -23.43 -18.71
N LYS B 61 -21.01 -23.95 -18.88
CA LYS B 61 -20.76 -25.38 -18.78
C LYS B 61 -20.52 -25.73 -17.31
N LEU B 62 -21.41 -26.53 -16.74
CA LEU B 62 -21.36 -26.89 -15.33
C LEU B 62 -20.94 -28.35 -15.19
N SER B 63 -20.11 -28.62 -14.20
CA SER B 63 -19.59 -29.97 -14.00
C SER B 63 -20.68 -30.90 -13.47
N VAL B 64 -20.48 -32.20 -13.70
CA VAL B 64 -21.34 -33.24 -13.16
C VAL B 64 -20.52 -34.08 -12.20
N SER B 65 -21.08 -34.37 -11.03
CA SER B 65 -20.40 -35.13 -10.00
C SER B 65 -21.34 -36.21 -9.49
N SER B 66 -20.83 -37.03 -8.57
CA SER B 66 -21.68 -38.05 -7.95
C SER B 66 -22.77 -37.45 -7.08
N ALA B 67 -22.57 -36.23 -6.57
CA ALA B 67 -23.55 -35.62 -5.69
C ALA B 67 -24.77 -35.10 -6.44
N ASN B 68 -24.60 -34.69 -7.70
CA ASN B 68 -25.68 -34.14 -8.51
C ASN B 68 -26.09 -35.05 -9.65
N ASP B 69 -25.47 -36.22 -9.79
CA ASP B 69 -25.71 -37.08 -10.94
C ASP B 69 -27.19 -37.37 -11.12
N ASP B 70 -27.87 -37.75 -10.04
CA ASP B 70 -29.27 -38.14 -10.13
C ASP B 70 -30.21 -36.99 -10.50
N ARG B 71 -29.73 -35.75 -10.51
CA ARG B 71 -30.57 -34.60 -10.84
C ARG B 71 -30.25 -34.01 -12.21
N ILE B 72 -29.31 -34.57 -12.96
CA ILE B 72 -28.86 -34.01 -14.22
C ILE B 72 -29.25 -34.97 -15.33
N PHE B 73 -30.26 -34.58 -16.12
CA PHE B 73 -30.64 -35.28 -17.33
C PHE B 73 -31.27 -34.26 -18.27
N PRO B 74 -31.22 -34.47 -19.58
CA PRO B 74 -31.80 -33.48 -20.50
C PRO B 74 -33.26 -33.22 -20.17
N GLY B 75 -33.62 -31.94 -20.12
CA GLY B 75 -34.97 -31.53 -19.81
C GLY B 75 -35.28 -31.39 -18.34
N ALA B 76 -34.35 -31.76 -17.46
CA ALA B 76 -34.58 -31.61 -16.03
C ALA B 76 -34.93 -30.18 -15.69
N LEU B 77 -35.93 -30.00 -14.83
CA LEU B 77 -36.42 -28.69 -14.43
C LEU B 77 -35.84 -28.35 -13.06
N LEU B 78 -35.08 -27.28 -13.00
CA LEU B 78 -34.38 -26.89 -11.79
C LEU B 78 -34.77 -25.46 -11.42
N LYS B 79 -34.32 -25.04 -10.25
CA LYS B 79 -34.51 -23.68 -9.77
C LYS B 79 -33.19 -22.94 -9.83
N ALA B 80 -33.19 -21.75 -10.42
CA ALA B 80 -32.00 -20.90 -10.49
C ALA B 80 -31.82 -20.19 -9.15
N ASP B 81 -31.41 -20.97 -8.15
CA ASP B 81 -31.25 -20.45 -6.80
C ASP B 81 -29.87 -20.79 -6.25
N GLN B 82 -29.76 -20.91 -4.92
CA GLN B 82 -28.46 -21.14 -4.31
C GLN B 82 -27.94 -22.55 -4.56
N SER B 83 -28.84 -23.54 -4.64
CA SER B 83 -28.40 -24.91 -4.86
C SER B 83 -27.70 -25.05 -6.21
N LEU B 84 -28.06 -24.22 -7.20
CA LEU B 84 -27.44 -24.31 -8.51
C LEU B 84 -26.03 -23.73 -8.48
N LEU B 85 -25.85 -22.58 -7.82
CA LEU B 85 -24.52 -21.98 -7.72
C LEU B 85 -23.55 -22.90 -7.03
N GLU B 86 -24.01 -23.67 -6.05
CA GLU B 86 -23.20 -24.72 -5.44
C GLU B 86 -23.09 -25.96 -6.32
N ASN B 87 -23.69 -25.94 -7.51
CA ASN B 87 -23.65 -27.08 -8.42
C ASN B 87 -24.24 -28.33 -7.75
N LEU B 88 -25.31 -28.13 -6.98
CA LEU B 88 -26.04 -29.21 -6.33
C LEU B 88 -27.53 -28.94 -6.51
N PRO B 89 -27.99 -28.82 -7.75
CA PRO B 89 -29.34 -28.32 -8.00
C PRO B 89 -30.41 -29.28 -7.46
N THR B 90 -31.63 -28.75 -7.43
CA THR B 90 -32.79 -29.47 -6.90
C THR B 90 -33.88 -29.51 -7.96
N LEU B 91 -34.36 -30.72 -8.26
CA LEU B 91 -35.46 -30.88 -9.21
C LEU B 91 -36.73 -30.23 -8.68
N ILE B 92 -37.48 -29.60 -9.57
CA ILE B 92 -38.79 -29.07 -9.21
C ILE B 92 -39.77 -30.24 -9.19
N PRO B 93 -40.42 -30.55 -8.05
CA PRO B 93 -41.32 -31.71 -8.02
C PRO B 93 -42.68 -31.41 -8.63
N VAL B 94 -42.90 -31.86 -9.86
CA VAL B 94 -44.16 -31.59 -10.56
C VAL B 94 -44.30 -32.51 -11.76
N ASN B 95 -45.52 -32.97 -12.03
CA ASN B 95 -45.77 -33.75 -13.24
C ASN B 95 -45.37 -32.93 -14.46
N ARG B 96 -44.85 -33.61 -15.48
CA ARG B 96 -44.25 -32.93 -16.61
C ARG B 96 -44.88 -33.40 -17.92
N GLY B 97 -44.54 -32.69 -18.99
CA GLY B 97 -44.93 -33.06 -20.33
C GLY B 97 -43.81 -33.74 -21.09
N LYS B 98 -44.00 -33.84 -22.40
CA LYS B 98 -43.02 -34.53 -23.23
C LYS B 98 -41.77 -33.68 -23.42
N THR B 99 -40.67 -34.36 -23.74
CA THR B 99 -39.43 -33.72 -24.13
C THR B 99 -38.96 -34.30 -25.44
N THR B 100 -38.28 -33.48 -26.23
CA THR B 100 -37.69 -33.90 -27.50
C THR B 100 -36.20 -33.65 -27.45
N ILE B 101 -35.42 -34.69 -27.68
CA ILE B 101 -33.97 -34.65 -27.58
C ILE B 101 -33.36 -35.02 -28.92
N SER B 102 -32.19 -34.47 -29.19
CA SER B 102 -31.42 -34.83 -30.38
C SER B 102 -29.98 -35.04 -29.99
N VAL B 103 -29.39 -36.16 -30.44
CA VAL B 103 -28.01 -36.51 -30.14
C VAL B 103 -27.16 -36.24 -31.37
N ASN B 104 -25.98 -35.65 -31.16
CA ASN B 104 -25.09 -35.26 -32.25
C ASN B 104 -24.12 -36.36 -32.63
N LEU B 105 -24.49 -37.63 -32.47
CA LEU B 105 -23.60 -38.71 -32.88
C LEU B 105 -23.53 -38.79 -34.40
N PRO B 106 -22.34 -39.02 -34.96
CA PRO B 106 -22.20 -39.01 -36.42
C PRO B 106 -22.80 -40.25 -37.05
N GLY B 107 -23.37 -40.06 -38.24
CA GLY B 107 -24.03 -41.11 -38.97
C GLY B 107 -25.55 -41.13 -38.81
N LEU B 108 -26.08 -40.50 -37.78
CA LEU B 108 -27.51 -40.51 -37.53
C LEU B 108 -28.18 -39.53 -38.49
N LYS B 109 -28.71 -40.08 -39.58
CA LYS B 109 -29.39 -39.30 -40.59
C LYS B 109 -30.88 -39.23 -40.27
N ASN B 110 -31.64 -38.52 -41.11
CA ASN B 110 -33.09 -38.44 -40.98
C ASN B 110 -33.50 -38.20 -39.53
N GLY B 111 -34.48 -38.96 -39.03
CA GLY B 111 -34.95 -38.82 -37.68
C GLY B 111 -34.32 -39.75 -36.66
N GLU B 112 -33.33 -40.55 -37.07
CA GLU B 112 -32.66 -41.44 -36.12
C GLU B 112 -32.10 -40.66 -34.95
N SER B 113 -31.66 -39.43 -35.17
CA SER B 113 -30.97 -38.63 -34.17
C SER B 113 -31.92 -37.89 -33.23
N ASN B 114 -33.20 -38.25 -33.19
CA ASN B 114 -34.18 -37.54 -32.37
C ASN B 114 -34.95 -38.54 -31.52
N LEU B 115 -35.46 -38.06 -30.38
CA LEU B 115 -36.12 -38.89 -29.39
C LEU B 115 -37.37 -38.20 -28.88
N THR B 116 -38.11 -38.91 -28.03
CA THR B 116 -39.26 -38.36 -27.34
C THR B 116 -39.52 -39.21 -26.11
N VAL B 117 -39.88 -38.55 -25.01
CA VAL B 117 -40.15 -39.22 -23.74
C VAL B 117 -41.45 -38.66 -23.19
N GLU B 118 -42.37 -39.54 -22.80
CA GLU B 118 -43.70 -39.09 -22.36
C GLU B 118 -43.62 -38.45 -20.98
N ASN B 119 -43.19 -39.22 -19.97
CA ASN B 119 -43.10 -38.71 -18.60
C ASN B 119 -41.64 -38.65 -18.19
N PRO B 120 -40.89 -37.64 -18.66
CA PRO B 120 -39.45 -37.64 -18.46
C PRO B 120 -39.05 -37.61 -16.99
N SER B 121 -38.17 -38.54 -16.62
CA SER B 121 -37.51 -38.55 -15.33
C SER B 121 -36.07 -38.97 -15.54
N ASN B 122 -35.28 -39.00 -14.47
CA ASN B 122 -33.88 -39.38 -14.62
C ASN B 122 -33.75 -40.76 -15.25
N SER B 123 -34.63 -41.69 -14.87
CA SER B 123 -34.55 -43.05 -15.42
C SER B 123 -35.04 -43.09 -16.86
N THR B 124 -36.21 -42.50 -17.13
CA THR B 124 -36.78 -42.58 -18.48
C THR B 124 -35.90 -41.89 -19.50
N VAL B 125 -35.29 -40.76 -19.14
CA VAL B 125 -34.48 -40.01 -20.09
C VAL B 125 -33.14 -40.70 -20.32
N ARG B 126 -32.47 -41.12 -19.25
CA ARG B 126 -31.20 -41.83 -19.40
C ARG B 126 -31.38 -43.12 -20.19
N THR B 127 -32.41 -43.89 -19.86
CA THR B 127 -32.70 -45.09 -20.63
C THR B 127 -32.96 -44.74 -22.09
N ALA B 128 -33.72 -43.67 -22.34
CA ALA B 128 -34.02 -43.29 -23.72
C ALA B 128 -32.78 -42.82 -24.44
N VAL B 129 -31.92 -42.07 -23.76
CA VAL B 129 -30.67 -41.62 -24.37
C VAL B 129 -29.71 -42.78 -24.55
N ASN B 130 -29.59 -43.64 -23.54
CA ASN B 130 -28.68 -44.78 -23.64
C ASN B 130 -29.14 -45.75 -24.73
N ASN B 131 -30.46 -45.91 -24.90
CA ASN B 131 -30.95 -46.81 -25.94
C ASN B 131 -30.50 -46.33 -27.32
N LEU B 132 -30.70 -45.04 -27.62
CA LEU B 132 -30.28 -44.51 -28.91
C LEU B 132 -28.78 -44.70 -29.11
N VAL B 133 -27.98 -44.47 -28.08
CA VAL B 133 -26.53 -44.63 -28.19
C VAL B 133 -26.18 -46.06 -28.58
N GLU B 134 -26.78 -47.03 -27.90
CA GLU B 134 -26.53 -48.44 -28.22
C GLU B 134 -26.81 -48.72 -29.69
N LYS B 135 -27.93 -48.21 -30.22
CA LYS B 135 -28.23 -48.38 -31.63
C LYS B 135 -27.09 -47.84 -32.50
N TRP B 136 -26.68 -46.60 -32.25
CA TRP B 136 -25.61 -46.00 -33.04
C TRP B 136 -24.34 -46.85 -32.99
N ILE B 137 -24.07 -47.49 -31.86
CA ILE B 137 -22.89 -48.34 -31.75
C ILE B 137 -22.98 -49.51 -32.73
N GLN B 138 -24.15 -50.16 -32.77
CA GLN B 138 -24.32 -51.34 -33.59
C GLN B 138 -24.27 -51.01 -35.08
N LYS B 139 -24.81 -49.86 -35.47
CA LYS B 139 -25.02 -49.54 -36.88
C LYS B 139 -23.92 -48.67 -37.48
N TYR B 140 -23.38 -47.70 -36.73
CA TYR B 140 -22.49 -46.70 -37.30
C TYR B 140 -21.10 -46.65 -36.66
N SER B 141 -20.83 -47.42 -35.61
CA SER B 141 -19.58 -47.26 -34.89
C SER B 141 -18.39 -47.75 -35.71
N LYS B 142 -18.53 -48.87 -36.40
CA LYS B 142 -17.40 -49.43 -37.13
C LYS B 142 -17.02 -48.60 -38.34
N THR B 143 -17.94 -47.78 -38.86
CA THR B 143 -17.64 -46.91 -39.99
C THR B 143 -17.18 -45.53 -39.51
N HIS B 144 -18.00 -44.88 -38.68
CA HIS B 144 -17.66 -43.57 -38.13
C HIS B 144 -16.96 -43.71 -36.79
N ALA B 145 -15.97 -42.85 -36.55
CA ALA B 145 -15.33 -42.74 -35.26
C ALA B 145 -15.56 -41.34 -34.70
N VAL B 146 -15.60 -41.24 -33.37
CA VAL B 146 -15.90 -39.96 -32.71
C VAL B 146 -14.69 -39.51 -31.92
N PRO B 147 -13.95 -38.50 -32.36
CA PRO B 147 -12.84 -38.00 -31.54
C PRO B 147 -13.37 -37.01 -30.50
N ALA B 148 -12.74 -37.02 -29.33
CA ALA B 148 -13.17 -36.17 -28.25
C ALA B 148 -12.93 -34.70 -28.56
N ARG B 149 -13.88 -33.86 -28.20
CA ARG B 149 -13.70 -32.41 -28.16
C ARG B 149 -13.10 -32.04 -26.82
N MET B 150 -11.91 -31.46 -26.83
CA MET B 150 -11.16 -31.20 -25.61
C MET B 150 -11.31 -29.73 -25.21
N GLN B 151 -11.86 -29.50 -24.02
CA GLN B 151 -11.95 -28.17 -23.43
C GLN B 151 -11.01 -28.13 -22.22
N TYR B 152 -10.11 -27.15 -22.21
CA TYR B 152 -8.99 -27.13 -21.28
C TYR B 152 -9.02 -25.84 -20.47
N GLU B 153 -8.97 -25.97 -19.15
CA GLU B 153 -8.96 -24.84 -18.24
C GLU B 153 -7.92 -25.10 -17.15
N SER B 154 -7.02 -24.14 -16.94
CA SER B 154 -5.94 -24.28 -15.98
C SER B 154 -5.75 -22.97 -15.23
N ILE B 155 -5.18 -23.06 -14.03
CA ILE B 155 -4.95 -21.90 -13.19
C ILE B 155 -3.90 -22.22 -12.13
N SER B 156 -3.42 -21.21 -11.43
CA SER B 156 -2.45 -21.38 -10.36
C SER B 156 -3.15 -21.29 -9.01
N ALA B 157 -2.73 -22.13 -8.07
CA ALA B 157 -3.40 -22.22 -6.78
C ALA B 157 -2.97 -21.07 -5.87
N GLN B 158 -3.95 -20.34 -5.36
CA GLN B 158 -3.73 -19.26 -4.39
C GLN B 158 -4.68 -19.29 -3.20
N SER B 159 -5.84 -19.93 -3.30
CA SER B 159 -6.75 -20.13 -2.18
C SER B 159 -7.81 -21.14 -2.61
N MET B 160 -8.25 -21.96 -1.66
CA MET B 160 -9.35 -22.87 -1.96
C MET B 160 -10.55 -22.11 -2.48
N SER B 161 -10.77 -20.88 -2.02
CA SER B 161 -11.90 -20.09 -2.48
C SER B 161 -11.74 -19.68 -3.94
N GLN B 162 -10.50 -19.48 -4.40
CA GLN B 162 -10.30 -19.10 -5.81
C GLN B 162 -10.62 -20.27 -6.72
N LEU B 163 -10.19 -21.48 -6.36
CA LEU B 163 -10.45 -22.64 -7.19
C LEU B 163 -11.96 -22.88 -7.32
N GLN B 164 -12.70 -22.62 -6.24
CA GLN B 164 -14.15 -22.75 -6.30
C GLN B 164 -14.75 -21.76 -7.30
N ALA B 165 -14.16 -20.58 -7.43
CA ALA B 165 -14.62 -19.61 -8.41
C ALA B 165 -14.20 -19.96 -9.83
N LYS B 166 -13.23 -20.86 -9.99
CA LYS B 166 -12.73 -21.26 -11.30
C LYS B 166 -13.38 -22.56 -11.79
N PHE B 167 -13.65 -23.51 -10.90
CA PHE B 167 -14.23 -24.78 -11.27
C PHE B 167 -15.55 -25.06 -10.57
N GLY B 168 -16.15 -24.06 -9.94
CA GLY B 168 -17.41 -24.28 -9.24
C GLY B 168 -17.19 -24.61 -7.78
N ALA B 169 -18.18 -24.26 -6.95
CA ALA B 169 -18.09 -24.44 -5.51
C ALA B 169 -17.89 -25.91 -5.12
N ASP B 170 -18.25 -26.84 -6.00
CA ASP B 170 -18.12 -28.26 -5.69
C ASP B 170 -16.69 -28.77 -5.82
N PHE B 171 -15.73 -27.90 -6.15
CA PHE B 171 -14.35 -28.36 -6.30
C PHE B 171 -13.76 -28.85 -4.98
N SER B 172 -14.29 -28.37 -3.85
CA SER B 172 -13.76 -28.78 -2.56
C SER B 172 -13.84 -30.28 -2.38
N LYS B 173 -14.99 -30.88 -2.73
CA LYS B 173 -15.18 -32.32 -2.53
C LYS B 173 -14.45 -33.13 -3.59
N VAL B 174 -14.61 -32.76 -4.87
CA VAL B 174 -13.98 -33.54 -5.93
C VAL B 174 -12.47 -33.35 -5.90
N GLY B 175 -12.01 -32.21 -5.37
CA GLY B 175 -10.59 -31.93 -5.27
C GLY B 175 -9.94 -32.39 -3.98
N ALA B 176 -10.73 -32.81 -3.00
CA ALA B 176 -10.18 -33.33 -1.75
C ALA B 176 -9.16 -34.45 -1.98
N PRO B 177 -9.37 -35.38 -2.92
CA PRO B 177 -8.35 -36.41 -3.16
C PRO B 177 -7.05 -35.86 -3.73
N LEU B 178 -7.01 -34.60 -4.17
CA LEU B 178 -5.78 -34.03 -4.68
C LEU B 178 -4.83 -33.59 -3.57
N ASN B 179 -5.38 -33.13 -2.43
CA ASN B 179 -4.59 -32.72 -1.28
C ASN B 179 -3.71 -31.52 -1.63
N VAL B 180 -4.37 -30.44 -2.06
CA VAL B 180 -3.65 -29.23 -2.42
C VAL B 180 -2.93 -28.68 -1.20
N ASP B 181 -1.60 -28.64 -1.26
CA ASP B 181 -0.76 -28.13 -0.18
C ASP B 181 -0.63 -26.63 -0.35
N PHE B 182 -1.36 -25.87 0.45
CA PHE B 182 -1.38 -24.42 0.34
C PHE B 182 -0.41 -23.72 1.27
N SER B 183 0.07 -24.39 2.32
CA SER B 183 1.04 -23.77 3.20
C SER B 183 2.32 -23.42 2.44
N SER B 184 2.76 -24.31 1.53
CA SER B 184 4.01 -24.08 0.82
C SER B 184 3.90 -23.00 -0.24
N VAL B 185 2.71 -22.83 -0.84
CA VAL B 185 2.51 -21.74 -1.78
C VAL B 185 2.71 -20.39 -1.09
N HIS B 186 2.26 -20.29 0.16
CA HIS B 186 2.46 -19.08 0.94
C HIS B 186 3.89 -18.96 1.42
N LYS B 187 4.49 -20.08 1.84
CA LYS B 187 5.89 -20.08 2.26
C LYS B 187 6.84 -19.84 1.09
N GLY B 188 6.39 -20.09 -0.14
CA GLY B 188 7.15 -19.74 -1.32
C GLY B 188 8.06 -20.81 -1.88
N GLU B 189 7.95 -22.05 -1.41
CA GLU B 189 8.87 -23.09 -1.87
C GLU B 189 8.42 -23.68 -3.19
N LYS B 190 7.15 -24.07 -3.28
CA LYS B 190 6.63 -24.78 -4.45
C LYS B 190 5.50 -23.98 -5.09
N GLN B 191 5.26 -24.30 -6.36
CA GLN B 191 4.25 -23.66 -7.20
C GLN B 191 3.27 -24.73 -7.66
N VAL B 192 1.97 -24.44 -7.56
CA VAL B 192 0.94 -25.44 -7.80
C VAL B 192 0.00 -24.94 -8.90
N PHE B 193 -0.32 -25.84 -9.85
CA PHE B 193 -1.23 -25.56 -10.94
C PHE B 193 -2.28 -26.66 -10.99
N ILE B 194 -3.54 -26.25 -11.16
CA ILE B 194 -4.66 -27.19 -11.30
C ILE B 194 -5.25 -27.00 -12.70
N ALA B 195 -5.60 -28.11 -13.35
CA ALA B 195 -6.18 -28.07 -14.68
C ALA B 195 -7.42 -28.94 -14.74
N ASN B 196 -8.38 -28.55 -15.58
CA ASN B 196 -9.61 -29.29 -15.80
C ASN B 196 -9.69 -29.72 -17.25
N PHE B 197 -9.66 -31.03 -17.48
CA PHE B 197 -9.75 -31.62 -18.81
C PHE B 197 -11.14 -32.23 -18.99
N ARG B 198 -11.79 -31.90 -20.10
CA ARG B 198 -13.14 -32.39 -20.39
C ARG B 198 -13.17 -32.85 -21.85
N GLN B 199 -13.11 -34.17 -22.05
CA GLN B 199 -13.12 -34.75 -23.39
C GLN B 199 -14.54 -35.25 -23.67
N VAL B 200 -15.25 -34.55 -24.56
CA VAL B 200 -16.65 -34.82 -24.86
C VAL B 200 -16.73 -35.65 -26.13
N TYR B 201 -17.47 -36.76 -26.05
CA TYR B 201 -17.71 -37.61 -27.21
C TYR B 201 -19.00 -37.22 -27.94
N TYR B 202 -20.11 -37.12 -27.21
CA TYR B 202 -21.37 -36.66 -27.77
C TYR B 202 -22.09 -35.83 -26.71
N THR B 203 -23.13 -35.12 -27.15
CA THR B 203 -23.90 -34.27 -26.26
C THR B 203 -25.38 -34.40 -26.60
N ALA B 204 -26.20 -34.70 -25.60
CA ALA B 204 -27.64 -34.77 -25.77
C ALA B 204 -28.24 -33.40 -25.51
N SER B 205 -28.86 -32.81 -26.55
CA SER B 205 -29.44 -31.48 -26.46
C SER B 205 -30.95 -31.57 -26.64
N VAL B 206 -31.68 -30.76 -25.87
CA VAL B 206 -33.13 -30.72 -25.94
C VAL B 206 -33.55 -29.68 -26.97
N ASP B 207 -34.49 -30.04 -27.83
CA ASP B 207 -35.06 -29.07 -28.75
C ASP B 207 -35.79 -28.00 -27.94
N SER B 208 -35.45 -26.73 -28.20
CA SER B 208 -36.03 -25.62 -27.46
C SER B 208 -37.56 -25.75 -27.42
N PRO B 209 -38.18 -25.77 -26.24
CA PRO B 209 -39.64 -25.91 -26.20
C PRO B 209 -40.32 -24.71 -26.84
N ASN B 210 -41.35 -24.99 -27.64
CA ASN B 210 -42.08 -23.92 -28.31
C ASN B 210 -42.63 -22.93 -27.30
N SER B 211 -43.31 -23.43 -26.27
CA SER B 211 -43.91 -22.59 -25.25
C SER B 211 -43.62 -23.17 -23.87
N PRO B 212 -43.48 -22.31 -22.85
CA PRO B 212 -43.22 -22.83 -21.50
C PRO B 212 -44.22 -23.88 -21.04
N SER B 213 -45.45 -23.85 -21.55
CA SER B 213 -46.46 -24.80 -21.13
C SER B 213 -46.10 -26.24 -21.50
N ALA B 214 -45.23 -26.44 -22.50
CA ALA B 214 -44.86 -27.79 -22.90
C ALA B 214 -44.04 -28.48 -21.83
N LEU B 215 -43.31 -27.73 -21.01
CA LEU B 215 -42.48 -28.29 -19.96
C LEU B 215 -43.26 -28.67 -18.71
N PHE B 216 -44.59 -28.57 -18.73
CA PHE B 216 -45.42 -28.92 -17.59
C PHE B 216 -46.61 -29.75 -18.07
N GLY B 217 -46.91 -30.81 -17.34
CA GLY B 217 -48.03 -31.66 -17.69
C GLY B 217 -49.35 -30.93 -17.59
N SER B 218 -50.42 -31.64 -17.94
CA SER B 218 -51.76 -31.08 -17.83
C SER B 218 -52.11 -30.84 -16.36
N GLY B 219 -53.17 -30.07 -16.13
CA GLY B 219 -53.60 -29.79 -14.77
C GLY B 219 -52.53 -29.15 -13.91
N ILE B 220 -51.78 -28.21 -14.47
CA ILE B 220 -50.75 -27.47 -13.75
C ILE B 220 -51.14 -26.00 -13.78
N THR B 221 -51.52 -25.47 -12.62
CA THR B 221 -51.86 -24.06 -12.48
C THR B 221 -50.59 -23.22 -12.56
N PRO B 222 -50.71 -21.89 -12.63
CA PRO B 222 -49.58 -21.05 -12.23
C PRO B 222 -49.48 -20.87 -10.72
N THR B 223 -50.56 -21.15 -9.98
CA THR B 223 -50.52 -21.06 -8.53
C THR B 223 -49.56 -22.09 -7.95
N ASP B 224 -49.77 -23.37 -8.28
CA ASP B 224 -48.92 -24.44 -7.74
C ASP B 224 -47.44 -24.21 -7.99
N LEU B 225 -47.08 -23.38 -8.98
CA LEU B 225 -45.68 -23.05 -9.20
C LEU B 225 -45.16 -22.07 -8.16
N ILE B 226 -46.01 -21.13 -7.73
CA ILE B 226 -45.59 -20.17 -6.72
C ILE B 226 -45.46 -20.85 -5.36
N ASN B 227 -46.33 -21.83 -5.08
CA ASN B 227 -46.17 -22.62 -3.86
C ASN B 227 -44.84 -23.36 -3.87
N ARG B 228 -44.47 -23.93 -5.02
CA ARG B 228 -43.18 -24.62 -5.15
C ARG B 228 -42.00 -23.66 -5.15
N GLY B 229 -42.23 -22.35 -5.05
CA GLY B 229 -41.14 -21.39 -4.99
C GLY B 229 -40.61 -20.93 -6.32
N VAL B 230 -41.46 -20.87 -7.34
CA VAL B 230 -41.05 -20.49 -8.69
C VAL B 230 -41.62 -19.12 -9.00
N ASN B 231 -40.78 -18.09 -8.94
CA ASN B 231 -41.16 -16.76 -9.39
C ASN B 231 -39.87 -15.97 -9.63
N SER B 232 -39.99 -14.64 -9.69
CA SER B 232 -38.86 -13.81 -10.07
C SER B 232 -37.65 -13.99 -9.15
N LYS B 233 -37.89 -14.25 -7.86
CA LYS B 233 -36.77 -14.39 -6.94
C LYS B 233 -35.83 -15.51 -7.37
N THR B 234 -36.39 -16.65 -7.77
CA THR B 234 -35.61 -17.79 -8.22
C THR B 234 -36.33 -18.42 -9.39
N PRO B 235 -36.03 -17.99 -10.63
CA PRO B 235 -36.81 -18.42 -11.78
C PRO B 235 -36.55 -19.87 -12.14
N PRO B 236 -37.31 -20.44 -13.07
CA PRO B 236 -37.07 -21.80 -13.51
C PRO B 236 -36.11 -21.89 -14.68
N VAL B 237 -35.36 -22.99 -14.71
CA VAL B 237 -34.48 -23.31 -15.82
C VAL B 237 -34.63 -24.79 -16.13
N TYR B 238 -34.15 -25.19 -17.30
CA TYR B 238 -34.09 -26.59 -17.68
C TYR B 238 -32.72 -26.91 -18.24
N VAL B 239 -32.27 -28.13 -17.98
CA VAL B 239 -31.00 -28.61 -18.53
C VAL B 239 -31.17 -28.68 -20.04
N SER B 240 -30.50 -27.77 -20.76
CA SER B 240 -30.64 -27.71 -22.20
C SER B 240 -29.74 -28.72 -22.91
N ASN B 241 -28.56 -28.99 -22.35
CA ASN B 241 -27.62 -29.90 -22.95
C ASN B 241 -26.88 -30.65 -21.86
N VAL B 242 -26.65 -31.94 -22.08
CA VAL B 242 -25.80 -32.76 -21.23
C VAL B 242 -24.70 -33.35 -22.09
N SER B 243 -23.46 -33.16 -21.67
CA SER B 243 -22.30 -33.64 -22.40
C SER B 243 -21.79 -34.93 -21.76
N TYR B 244 -21.50 -35.93 -22.59
CA TYR B 244 -21.03 -37.22 -22.14
C TYR B 244 -19.59 -37.44 -22.60
N GLY B 245 -18.79 -38.06 -21.74
CA GLY B 245 -17.41 -38.34 -22.06
C GLY B 245 -16.55 -38.63 -20.84
N ARG B 246 -15.33 -38.09 -20.85
CA ARG B 246 -14.40 -38.26 -19.75
C ARG B 246 -13.93 -36.90 -19.27
N ALA B 247 -13.78 -36.76 -17.95
CA ALA B 247 -13.28 -35.53 -17.36
C ALA B 247 -12.41 -35.85 -16.15
N MET B 248 -11.39 -35.03 -15.94
CA MET B 248 -10.44 -35.25 -14.86
C MET B 248 -9.94 -33.90 -14.35
N TYR B 249 -9.65 -33.86 -13.06
CA TYR B 249 -8.95 -32.74 -12.44
C TYR B 249 -7.53 -33.17 -12.12
N VAL B 250 -6.56 -32.33 -12.47
CA VAL B 250 -5.15 -32.66 -12.31
C VAL B 250 -4.45 -31.53 -11.57
N LYS B 251 -3.50 -31.89 -10.72
CA LYS B 251 -2.68 -30.94 -9.97
C LYS B 251 -1.21 -31.16 -10.27
N PHE B 252 -0.45 -30.08 -10.25
CA PHE B 252 0.99 -30.11 -10.47
C PHE B 252 1.67 -29.41 -9.30
N GLU B 253 2.78 -29.99 -8.83
CA GLU B 253 3.54 -29.43 -7.72
C GLU B 253 4.99 -29.28 -8.15
N THR B 254 5.41 -28.03 -8.39
CA THR B 254 6.72 -27.71 -8.94
C THR B 254 7.57 -27.00 -7.90
N THR B 255 8.88 -26.93 -8.19
CA THR B 255 9.82 -26.18 -7.37
C THR B 255 10.37 -24.95 -8.07
N SER B 256 10.36 -24.92 -9.40
CA SER B 256 10.87 -23.78 -10.14
C SER B 256 10.03 -22.53 -9.86
N LYS B 257 10.70 -21.37 -9.90
CA LYS B 257 10.04 -20.08 -9.74
C LYS B 257 9.80 -19.39 -11.08
N SER B 258 9.96 -20.10 -12.19
CA SER B 258 9.86 -19.49 -13.50
C SER B 258 8.46 -18.93 -13.74
N THR B 259 8.37 -18.00 -14.69
CA THR B 259 7.09 -17.58 -15.23
C THR B 259 6.55 -18.57 -16.24
N LYS B 260 7.41 -19.43 -16.79
CA LYS B 260 7.03 -20.38 -17.82
C LYS B 260 6.52 -21.71 -17.26
N VAL B 261 5.98 -21.72 -16.05
CA VAL B 261 5.35 -22.94 -15.54
C VAL B 261 4.10 -23.26 -16.34
N GLN B 262 3.24 -22.26 -16.52
CA GLN B 262 2.20 -22.33 -17.53
C GLN B 262 2.87 -22.40 -18.90
N ALA B 263 2.11 -22.31 -19.99
CA ALA B 263 2.69 -22.44 -21.32
C ALA B 263 3.34 -23.80 -21.50
N ALA B 264 4.33 -24.12 -20.66
CA ALA B 264 4.87 -25.48 -20.63
C ALA B 264 3.76 -26.50 -20.43
N ILE B 265 2.77 -26.18 -19.58
CA ILE B 265 1.61 -27.05 -19.44
C ILE B 265 0.88 -27.15 -20.77
N ASP B 266 0.49 -26.00 -21.33
CA ASP B 266 -0.24 -25.99 -22.59
C ASP B 266 0.52 -26.71 -23.69
N ALA B 267 1.87 -26.69 -23.62
CA ALA B 267 2.66 -27.41 -24.61
C ALA B 267 2.46 -28.91 -24.51
N VAL B 268 2.45 -29.44 -23.29
CA VAL B 268 2.24 -30.87 -23.08
C VAL B 268 0.91 -31.33 -23.67
N VAL B 269 -0.06 -30.44 -23.82
CA VAL B 269 -1.39 -30.80 -24.29
C VAL B 269 -1.66 -30.21 -25.68
N LYS B 270 -0.62 -29.92 -26.45
CA LYS B 270 -0.76 -29.36 -27.78
C LYS B 270 -1.43 -27.98 -27.72
N GLY B 271 -1.04 -27.08 -28.61
CA GLY B 271 -1.60 -25.75 -28.64
C GLY B 271 -1.46 -25.07 -29.99
N GLU B 281 7.99 -22.99 -22.58
CA GLU B 281 7.79 -24.41 -22.81
C GLU B 281 9.12 -25.16 -22.64
N ASN B 282 9.27 -26.30 -23.32
CA ASN B 282 10.44 -27.16 -23.18
C ASN B 282 10.81 -27.32 -21.70
N ILE B 283 9.82 -27.76 -20.92
CA ILE B 283 9.95 -27.79 -19.47
C ILE B 283 11.24 -28.46 -19.07
N LEU B 284 12.03 -27.76 -18.25
CA LEU B 284 13.22 -28.31 -17.61
C LEU B 284 12.98 -28.45 -16.11
N LYS B 285 11.81 -28.97 -15.76
CA LYS B 285 11.39 -29.11 -14.36
C LYS B 285 10.63 -30.41 -14.19
N ASN B 286 11.09 -31.25 -13.26
CA ASN B 286 10.44 -32.52 -12.98
C ASN B 286 9.40 -32.30 -11.88
N THR B 287 8.13 -32.51 -12.24
CA THR B 287 7.00 -32.23 -11.37
C THR B 287 6.38 -33.52 -10.87
N LYS B 288 5.60 -33.39 -9.81
CA LYS B 288 4.77 -34.48 -9.28
C LYS B 288 3.32 -34.21 -9.61
N ILE B 289 2.62 -35.25 -10.06
CA ILE B 289 1.29 -35.12 -10.66
C ILE B 289 0.28 -35.85 -9.78
N CYS B 290 -0.92 -35.28 -9.69
CA CYS B 290 -2.05 -35.90 -9.01
C CYS B 290 -3.29 -35.67 -9.86
N ALA B 291 -4.04 -36.73 -10.14
CA ALA B 291 -5.16 -36.66 -11.07
C ALA B 291 -6.35 -37.46 -10.54
N VAL B 292 -7.54 -36.86 -10.65
CA VAL B 292 -8.80 -37.51 -10.32
C VAL B 292 -9.60 -37.64 -11.61
N VAL B 293 -10.08 -38.84 -11.88
CA VAL B 293 -10.74 -39.15 -13.14
C VAL B 293 -12.23 -39.37 -12.90
N LEU B 294 -13.03 -39.03 -13.90
CA LEU B 294 -14.46 -39.35 -13.92
C LEU B 294 -14.81 -39.82 -15.32
N GLY B 295 -15.28 -41.05 -15.44
CA GLY B 295 -15.63 -41.61 -16.73
C GLY B 295 -14.56 -42.47 -17.37
N GLY B 296 -13.59 -42.95 -16.59
CA GLY B 296 -12.54 -43.77 -17.17
C GLY B 296 -13.07 -45.08 -17.71
N ASN B 297 -12.38 -45.59 -18.73
CA ASN B 297 -12.73 -46.89 -19.29
C ASN B 297 -12.67 -47.96 -18.20
N PRO B 298 -13.26 -49.13 -18.45
CA PRO B 298 -13.39 -50.12 -17.38
C PRO B 298 -12.05 -50.74 -17.02
N GLY B 299 -11.81 -50.86 -15.72
CA GLY B 299 -10.58 -51.42 -15.21
C GLY B 299 -9.41 -50.47 -15.15
N GLU B 300 -9.43 -49.39 -15.93
CA GLU B 300 -8.34 -48.41 -15.95
C GLU B 300 -8.93 -47.02 -15.70
N ALA B 301 -8.84 -46.55 -14.46
CA ALA B 301 -9.41 -45.27 -14.07
C ALA B 301 -8.95 -44.89 -12.66
N SER B 302 -9.90 -44.62 -11.77
CA SER B 302 -9.57 -44.39 -10.36
C SER B 302 -8.81 -43.09 -10.16
N LYS B 303 -8.03 -43.01 -9.07
CA LYS B 303 -7.21 -41.85 -8.75
C LYS B 303 -5.75 -42.21 -8.97
N VAL B 304 -5.07 -41.43 -9.81
CA VAL B 304 -3.67 -41.69 -10.15
C VAL B 304 -2.86 -40.45 -9.81
N CYS B 305 -1.85 -40.62 -8.96
CA CYS B 305 -0.93 -39.56 -8.58
C CYS B 305 0.48 -40.00 -9.00
N THR B 306 1.48 -39.22 -8.58
CA THR B 306 2.87 -39.48 -8.94
C THR B 306 3.02 -39.58 -10.46
N GLY B 307 4.17 -40.07 -10.92
CA GLY B 307 4.49 -40.03 -12.34
C GLY B 307 5.02 -38.66 -12.74
N ASN B 308 5.75 -38.64 -13.85
CA ASN B 308 6.39 -37.44 -14.36
C ASN B 308 5.88 -37.14 -15.75
N ILE B 309 5.03 -36.10 -15.84
CA ILE B 309 4.48 -35.56 -17.08
C ILE B 309 4.16 -36.64 -18.11
N ASP B 310 5.15 -37.43 -18.52
CA ASP B 310 4.93 -38.39 -19.60
C ASP B 310 3.79 -39.35 -19.26
N THR B 311 3.70 -39.76 -17.99
CA THR B 311 2.56 -40.57 -17.55
C THR B 311 1.25 -39.83 -17.75
N LEU B 312 1.28 -38.49 -17.64
CA LEU B 312 0.07 -37.71 -17.86
C LEU B 312 -0.34 -37.71 -19.32
N LYS B 313 0.62 -37.50 -20.23
CA LYS B 313 0.33 -37.52 -21.66
C LYS B 313 -0.44 -38.77 -22.06
N ASP B 314 -0.20 -39.89 -21.36
CA ASP B 314 -0.98 -41.09 -21.63
C ASP B 314 -2.42 -40.92 -21.20
N LEU B 315 -2.66 -40.24 -20.07
CA LEU B 315 -4.02 -40.00 -19.61
C LEU B 315 -4.79 -39.15 -20.61
N ILE B 316 -4.23 -38.01 -21.02
CA ILE B 316 -4.91 -37.15 -21.98
C ILE B 316 -5.20 -37.92 -23.26
N GLN B 317 -4.26 -38.73 -23.71
CA GLN B 317 -4.43 -39.48 -24.94
C GLN B 317 -5.23 -40.76 -24.75
N LYS B 318 -5.58 -41.12 -23.51
CA LYS B 318 -6.34 -42.33 -23.27
C LYS B 318 -7.79 -42.18 -23.70
N GLY B 319 -8.38 -41.02 -23.45
CA GLY B 319 -9.77 -40.77 -23.79
C GLY B 319 -9.95 -39.88 -24.99
N SER B 320 -8.94 -39.83 -25.86
CA SER B 320 -9.07 -39.02 -27.07
C SER B 320 -10.20 -39.50 -27.95
N ASN B 321 -10.46 -40.80 -27.96
CA ASN B 321 -11.47 -41.40 -28.82
C ASN B 321 -12.53 -42.07 -27.96
N PHE B 322 -13.75 -42.12 -28.49
CA PHE B 322 -14.82 -42.89 -27.88
C PHE B 322 -14.54 -44.37 -28.10
N SER B 323 -14.23 -45.08 -27.01
CA SER B 323 -13.94 -46.51 -27.12
C SER B 323 -15.04 -47.28 -27.84
N ALA B 324 -16.26 -46.73 -27.87
CA ALA B 324 -17.36 -47.30 -28.65
C ALA B 324 -17.71 -48.72 -28.19
N GLN B 325 -17.47 -49.03 -26.93
CA GLN B 325 -17.86 -50.30 -26.35
C GLN B 325 -19.06 -50.19 -25.42
N SER B 326 -19.31 -49.01 -24.86
CA SER B 326 -20.40 -48.81 -23.92
C SER B 326 -20.77 -47.33 -23.95
N PRO B 327 -21.99 -46.98 -23.53
CA PRO B 327 -22.36 -45.56 -23.49
C PRO B 327 -21.56 -44.81 -22.45
N ALA B 328 -21.41 -43.50 -22.68
CA ALA B 328 -20.60 -42.65 -21.83
C ALA B 328 -21.43 -42.05 -20.70
N VAL B 329 -20.73 -41.62 -19.65
CA VAL B 329 -21.36 -41.08 -18.45
C VAL B 329 -21.41 -39.57 -18.57
N PRO B 330 -22.43 -38.89 -18.01
CA PRO B 330 -22.44 -37.42 -18.05
C PRO B 330 -21.28 -36.83 -17.27
N ILE B 331 -20.67 -35.80 -17.85
CA ILE B 331 -19.59 -35.08 -17.18
C ILE B 331 -19.83 -33.58 -17.11
N SER B 332 -20.62 -32.99 -17.99
CA SER B 332 -20.90 -31.56 -17.94
C SER B 332 -22.25 -31.31 -18.59
N TYR B 333 -22.93 -30.25 -18.14
CA TYR B 333 -24.25 -29.94 -18.65
C TYR B 333 -24.41 -28.42 -18.77
N THR B 334 -25.51 -28.02 -19.39
CA THR B 334 -25.83 -26.61 -19.56
C THR B 334 -27.28 -26.38 -19.15
N THR B 335 -27.58 -25.15 -18.75
CA THR B 335 -28.92 -24.75 -18.36
C THR B 335 -29.38 -23.58 -19.20
N SER B 336 -30.70 -23.51 -19.43
CA SER B 336 -31.30 -22.42 -20.18
C SER B 336 -32.54 -21.93 -19.45
N PHE B 337 -32.85 -20.64 -19.63
CA PHE B 337 -34.01 -20.04 -18.99
C PHE B 337 -35.28 -20.46 -19.69
N VAL B 338 -36.28 -20.87 -18.90
CA VAL B 338 -37.55 -21.31 -19.46
C VAL B 338 -38.25 -20.16 -20.17
N LYS B 339 -38.02 -18.93 -19.73
CA LYS B 339 -38.75 -17.79 -20.27
C LYS B 339 -38.39 -17.53 -21.72
N ASP B 340 -37.09 -17.44 -22.03
CA ASP B 340 -36.63 -17.06 -23.36
C ASP B 340 -35.70 -18.10 -23.98
N ASN B 341 -35.54 -19.26 -23.37
CA ASN B 341 -34.70 -20.34 -23.91
C ASN B 341 -33.29 -19.82 -24.20
N SER B 342 -32.72 -19.10 -23.23
CA SER B 342 -31.40 -18.53 -23.37
C SER B 342 -30.43 -19.23 -22.41
N ILE B 343 -29.20 -19.45 -22.87
CA ILE B 343 -28.19 -20.05 -22.02
C ILE B 343 -28.04 -19.21 -20.76
N ALA B 344 -27.94 -19.89 -19.63
CA ALA B 344 -27.75 -19.24 -18.34
C ALA B 344 -26.29 -19.32 -17.94
N THR B 345 -25.76 -18.21 -17.43
CA THR B 345 -24.36 -18.10 -17.07
C THR B 345 -24.21 -18.07 -15.55
N ILE B 346 -23.25 -18.84 -15.04
CA ILE B 346 -22.91 -18.83 -13.63
C ILE B 346 -21.65 -18.00 -13.46
N GLN B 347 -21.72 -16.97 -12.62
CA GLN B 347 -20.62 -16.02 -12.44
C GLN B 347 -20.19 -16.06 -10.98
N ASN B 348 -18.97 -16.52 -10.73
CA ASN B 348 -18.42 -16.62 -9.38
C ASN B 348 -17.28 -15.61 -9.23
N ASN B 349 -17.52 -14.58 -8.42
CA ASN B 349 -16.52 -13.57 -8.12
C ASN B 349 -16.07 -13.71 -6.68
N THR B 350 -14.86 -13.24 -6.40
CA THR B 350 -14.29 -13.32 -5.05
C THR B 350 -12.99 -12.53 -5.03
N ASP B 351 -12.46 -12.34 -3.83
CA ASP B 351 -11.13 -11.81 -3.61
C ASP B 351 -10.28 -12.87 -2.93
N TYR B 352 -8.96 -12.73 -3.08
CA TYR B 352 -8.05 -13.70 -2.50
C TYR B 352 -6.66 -13.08 -2.38
N ILE B 353 -5.89 -13.59 -1.43
CA ILE B 353 -4.51 -13.19 -1.23
C ILE B 353 -3.62 -14.27 -1.85
N GLU B 354 -2.78 -13.87 -2.81
CA GLU B 354 -1.89 -14.81 -3.47
C GLU B 354 -0.48 -14.68 -2.90
N THR B 355 0.47 -15.36 -3.53
CA THR B 355 1.87 -15.29 -3.11
C THR B 355 2.72 -15.63 -4.35
N LYS B 356 3.28 -14.61 -4.98
CA LYS B 356 4.08 -14.77 -6.19
C LYS B 356 5.53 -14.38 -5.89
N VAL B 357 6.42 -15.35 -6.03
CA VAL B 357 7.84 -15.16 -5.75
C VAL B 357 8.51 -14.58 -6.98
N THR B 358 9.46 -13.68 -6.74
CA THR B 358 10.22 -13.06 -7.82
C THR B 358 11.68 -12.98 -7.38
N SER B 359 12.58 -13.21 -8.33
CA SER B 359 14.02 -13.19 -8.06
C SER B 359 14.72 -12.32 -9.09
N TYR B 360 15.70 -11.54 -8.63
CA TYR B 360 16.48 -10.67 -9.49
C TYR B 360 17.94 -11.13 -9.42
N LYS B 361 18.48 -11.51 -10.57
CA LYS B 361 19.84 -12.03 -10.64
C LYS B 361 20.84 -10.89 -10.72
N ASP B 362 22.05 -11.15 -10.22
CA ASP B 362 23.13 -10.17 -10.30
C ASP B 362 23.33 -9.73 -11.76
N GLY B 363 23.77 -8.49 -11.93
CA GLY B 363 23.99 -7.92 -13.24
C GLY B 363 25.33 -7.21 -13.33
N ALA B 364 25.64 -6.75 -14.54
CA ALA B 364 26.89 -6.08 -14.80
C ALA B 364 26.68 -5.02 -15.88
N LEU B 365 27.29 -3.86 -15.68
CA LEU B 365 27.22 -2.75 -16.62
C LEU B 365 28.65 -2.34 -16.99
N THR B 366 28.96 -2.42 -18.28
CA THR B 366 30.28 -2.07 -18.79
C THR B 366 30.21 -0.75 -19.54
N LEU B 367 31.20 0.11 -19.31
CA LEU B 367 31.28 1.42 -19.94
C LEU B 367 32.58 1.49 -20.74
N ASN B 368 32.47 1.66 -22.05
CA ASN B 368 33.62 1.68 -22.95
C ASN B 368 33.61 2.98 -23.75
N HIS B 369 34.73 3.70 -23.73
CA HIS B 369 34.86 4.95 -24.46
C HIS B 369 36.10 4.88 -25.34
N ASP B 370 35.88 4.93 -26.66
CA ASP B 370 36.96 4.90 -27.64
C ASP B 370 36.83 6.04 -28.63
N GLY B 371 36.29 7.18 -28.19
CA GLY B 371 36.11 8.31 -29.05
C GLY B 371 37.32 9.23 -29.08
N ALA B 372 37.41 10.01 -30.16
CA ALA B 372 38.49 11.00 -30.28
C ALA B 372 38.29 12.18 -29.34
N PHE B 373 37.08 12.36 -28.82
CA PHE B 373 36.77 13.49 -27.96
C PHE B 373 36.90 13.08 -26.49
N VAL B 374 36.51 13.98 -25.59
CA VAL B 374 36.53 13.71 -24.15
C VAL B 374 35.11 13.50 -23.68
N ALA B 375 34.92 12.54 -22.79
CA ALA B 375 33.60 12.17 -22.29
C ALA B 375 33.62 12.07 -20.78
N ARG B 376 32.43 12.14 -20.19
CA ARG B 376 32.28 12.01 -18.75
C ARG B 376 31.01 11.22 -18.46
N PHE B 377 31.12 10.20 -17.61
CA PHE B 377 30.05 9.25 -17.37
C PHE B 377 29.46 9.50 -15.98
N TYR B 378 28.14 9.70 -15.93
CA TYR B 378 27.41 9.78 -14.67
C TYR B 378 26.48 8.59 -14.57
N VAL B 379 26.49 7.93 -13.41
CA VAL B 379 25.70 6.73 -13.18
C VAL B 379 25.20 6.76 -11.74
N TYR B 380 23.88 6.70 -11.57
CA TYR B 380 23.26 6.67 -10.25
C TYR B 380 22.30 5.49 -10.21
N TRP B 381 21.95 5.09 -8.98
CA TRP B 381 21.00 4.01 -8.78
C TRP B 381 20.55 4.03 -7.32
N GLU B 382 19.75 3.05 -6.94
CA GLU B 382 19.28 2.91 -5.57
C GLU B 382 19.27 1.43 -5.22
N GLU B 383 19.72 1.11 -4.00
CA GLU B 383 19.75 -0.26 -3.52
C GLU B 383 18.82 -0.41 -2.33
N LEU B 384 18.01 -1.47 -2.33
CA LEU B 384 17.11 -1.73 -1.23
C LEU B 384 17.85 -2.40 -0.07
N GLY B 385 17.38 -2.13 1.14
CA GLY B 385 17.99 -2.69 2.33
C GLY B 385 16.99 -2.75 3.46
N HIS B 386 17.44 -3.34 4.57
CA HIS B 386 16.62 -3.49 5.76
C HIS B 386 17.31 -2.81 6.94
N ASP B 387 16.59 -1.94 7.63
CA ASP B 387 17.11 -1.31 8.84
C ASP B 387 17.04 -2.32 9.98
N ALA B 388 17.35 -1.87 11.20
CA ALA B 388 17.24 -2.75 12.36
C ALA B 388 15.79 -3.07 12.67
N ASP B 389 14.86 -2.17 12.31
CA ASP B 389 13.45 -2.43 12.51
C ASP B 389 12.87 -3.42 11.50
N GLY B 390 13.65 -3.83 10.50
CA GLY B 390 13.19 -4.78 9.52
C GLY B 390 12.44 -4.19 8.34
N TYR B 391 12.16 -2.89 8.36
CA TYR B 391 11.44 -2.26 7.27
C TYR B 391 12.37 -2.05 6.08
N GLU B 392 11.78 -1.74 4.93
CA GLU B 392 12.52 -1.70 3.67
C GLU B 392 13.09 -0.30 3.47
N THR B 393 14.41 -0.22 3.39
CA THR B 393 15.12 1.04 3.26
C THR B 393 15.55 1.27 1.81
N ILE B 394 15.88 2.52 1.50
CA ILE B 394 16.39 2.90 0.19
C ILE B 394 17.65 3.73 0.39
N ARG B 395 18.74 3.32 -0.24
CA ARG B 395 20.01 4.02 -0.18
C ARG B 395 20.35 4.49 -1.59
N SER B 396 20.30 5.80 -1.81
CA SER B 396 20.65 6.37 -3.10
C SER B 396 22.17 6.34 -3.25
N ARG B 397 22.65 5.69 -4.31
CA ARG B 397 24.08 5.52 -4.54
C ARG B 397 24.46 6.07 -5.90
N SER B 398 25.70 6.55 -5.99
CA SER B 398 26.26 7.06 -7.23
C SER B 398 27.61 6.40 -7.48
N TRP B 399 27.93 6.23 -8.76
CA TRP B 399 29.20 5.61 -9.14
C TRP B 399 30.37 6.50 -8.73
N SER B 400 31.46 5.85 -8.30
CA SER B 400 32.65 6.60 -7.90
C SER B 400 33.28 7.35 -9.06
N GLY B 401 33.22 6.77 -10.27
CA GLY B 401 33.83 7.39 -11.43
C GLY B 401 32.96 8.43 -12.10
N ASN B 402 32.02 9.01 -11.35
CA ASN B 402 31.12 10.01 -11.89
C ASN B 402 31.81 11.37 -11.92
N GLY B 403 31.93 11.95 -13.11
CA GLY B 403 32.43 13.30 -13.24
C GLY B 403 33.91 13.44 -13.51
N TYR B 404 34.59 12.35 -13.89
CA TYR B 404 36.02 12.39 -14.20
C TYR B 404 36.22 12.24 -15.70
N ASN B 405 37.12 13.04 -16.25
CA ASN B 405 37.34 13.05 -17.69
C ASN B 405 37.86 11.70 -18.16
N ARG B 406 37.19 11.14 -19.16
CA ARG B 406 37.61 9.90 -19.81
C ARG B 406 38.03 10.20 -21.24
N GLY B 407 39.08 9.52 -21.71
CA GLY B 407 39.63 9.82 -23.01
C GLY B 407 39.95 8.60 -23.86
N ALA B 408 41.08 7.96 -23.57
CA ALA B 408 41.55 6.83 -24.38
C ALA B 408 40.61 5.64 -24.26
N HIS B 409 41.09 4.46 -24.64
CA HIS B 409 40.28 3.25 -24.55
C HIS B 409 39.93 2.95 -23.10
N TYR B 410 39.06 3.77 -22.51
CA TYR B 410 38.64 3.58 -21.13
C TYR B 410 37.58 2.49 -21.03
N SER B 411 37.72 1.63 -20.02
CA SER B 411 36.79 0.54 -19.81
C SER B 411 36.72 0.20 -18.33
N THR B 412 35.51 0.01 -17.82
CA THR B 412 35.30 -0.33 -16.42
C THR B 412 33.99 -1.11 -16.28
N THR B 413 34.00 -2.07 -15.36
CA THR B 413 32.86 -2.95 -15.12
C THR B 413 32.31 -2.68 -13.73
N LEU B 414 31.02 -2.36 -13.65
CA LEU B 414 30.33 -2.20 -12.38
C LEU B 414 29.42 -3.40 -12.17
N ARG B 415 29.51 -4.00 -10.98
CA ARG B 415 28.78 -5.23 -10.68
C ARG B 415 27.67 -4.93 -9.66
N PHE B 416 26.43 -4.92 -10.14
CA PHE B 416 25.27 -4.69 -9.30
C PHE B 416 24.69 -6.00 -8.81
N LYS B 417 24.21 -6.01 -7.56
CA LYS B 417 23.49 -7.15 -7.02
C LYS B 417 22.01 -7.05 -7.39
N GLY B 418 21.21 -8.01 -6.90
CA GLY B 418 19.81 -8.08 -7.27
C GLY B 418 18.95 -6.99 -6.66
N ASN B 419 19.42 -6.34 -5.61
CA ASN B 419 18.64 -5.31 -4.92
C ASN B 419 18.98 -3.92 -5.47
N VAL B 420 18.73 -3.73 -6.77
CA VAL B 420 19.10 -2.52 -7.46
C VAL B 420 18.02 -2.17 -8.47
N ARG B 421 17.57 -0.91 -8.46
CA ARG B 421 16.61 -0.42 -9.44
C ARG B 421 16.94 1.02 -9.77
N ASN B 422 16.11 1.62 -10.64
CA ASN B 422 16.26 3.03 -11.03
C ASN B 422 17.69 3.36 -11.41
N ILE B 423 18.32 2.47 -12.17
CA ILE B 423 19.66 2.73 -12.69
C ILE B 423 19.56 3.80 -13.77
N ARG B 424 20.16 4.95 -13.51
CA ARG B 424 20.17 6.06 -14.45
C ARG B 424 21.57 6.26 -14.98
N VAL B 425 21.71 6.27 -16.31
CA VAL B 425 22.98 6.51 -16.97
C VAL B 425 22.89 7.83 -17.72
N LYS B 426 23.86 8.71 -17.48
CA LYS B 426 23.97 9.97 -18.19
C LYS B 426 25.42 10.15 -18.61
N VAL B 427 25.65 10.34 -19.90
CA VAL B 427 26.98 10.56 -20.44
C VAL B 427 26.93 11.83 -21.28
N LEU B 428 28.04 12.57 -21.28
CA LEU B 428 28.09 13.87 -21.93
C LEU B 428 29.35 13.99 -22.77
N GLY B 429 29.25 14.78 -23.84
CA GLY B 429 30.33 14.94 -24.79
C GLY B 429 31.34 16.00 -24.40
N ALA B 430 31.67 16.88 -25.34
CA ALA B 430 32.70 17.88 -25.13
C ALA B 430 32.36 19.27 -25.67
N THR B 431 31.35 19.42 -26.52
CA THR B 431 30.95 20.73 -27.05
C THR B 431 32.12 21.47 -27.70
N GLY B 432 33.16 20.75 -28.10
CA GLY B 432 34.40 21.41 -28.43
C GLY B 432 34.92 22.13 -27.20
N LEU B 433 34.80 23.46 -27.16
CA LEU B 433 35.24 24.25 -26.03
C LEU B 433 34.19 25.33 -25.75
N ALA B 434 34.53 26.26 -24.86
CA ALA B 434 33.71 27.43 -24.57
C ALA B 434 32.50 27.10 -23.71
N TRP B 435 31.71 28.13 -23.38
CA TRP B 435 30.59 28.08 -22.44
C TRP B 435 30.09 26.67 -22.16
N GLU B 436 29.03 26.22 -22.85
CA GLU B 436 28.54 24.86 -22.67
C GLU B 436 29.70 23.89 -22.85
N PRO B 437 30.22 23.27 -21.78
CA PRO B 437 31.41 22.42 -21.93
C PRO B 437 31.10 20.98 -22.29
N TRP B 438 29.91 20.50 -21.93
CA TRP B 438 29.51 19.12 -22.20
C TRP B 438 28.04 19.14 -22.62
N ARG B 439 27.76 18.76 -23.85
CA ARG B 439 26.39 18.83 -24.36
C ARG B 439 25.58 17.67 -23.78
N LEU B 440 25.61 16.52 -24.45
CA LEU B 440 24.82 15.34 -24.10
C LEU B 440 24.83 14.41 -25.31
N ILE B 441 25.34 13.20 -25.15
CA ILE B 441 25.36 12.23 -26.24
C ILE B 441 24.45 11.04 -25.98
N TYR B 442 24.09 10.76 -24.73
CA TYR B 442 23.18 9.66 -24.45
C TYR B 442 22.61 9.81 -23.04
N SER B 443 21.29 9.69 -22.92
CA SER B 443 20.61 9.67 -21.63
C SER B 443 19.60 8.54 -21.64
N LYS B 444 19.36 7.98 -20.46
CA LYS B 444 18.45 6.85 -20.34
C LYS B 444 18.20 6.59 -18.86
N ASN B 445 16.96 6.24 -18.52
CA ASN B 445 16.54 6.05 -17.15
C ASN B 445 16.00 4.65 -16.93
N ASP B 446 16.16 4.16 -15.70
CA ASP B 446 15.67 2.85 -15.27
C ASP B 446 16.07 1.76 -16.27
N LEU B 447 17.38 1.52 -16.31
CA LEU B 447 17.93 0.47 -17.15
C LEU B 447 17.70 -0.88 -16.49
N PRO B 448 17.02 -1.83 -17.15
CA PRO B 448 16.84 -3.14 -16.53
C PRO B 448 18.18 -3.76 -16.15
N LEU B 449 18.20 -4.44 -15.01
CA LEU B 449 19.42 -5.07 -14.50
C LEU B 449 19.66 -6.36 -15.30
N VAL B 450 20.18 -6.17 -16.51
CA VAL B 450 20.51 -7.27 -17.41
C VAL B 450 21.77 -7.96 -16.89
N PRO B 451 21.99 -9.25 -17.16
CA PRO B 451 23.25 -9.89 -16.73
C PRO B 451 24.49 -9.21 -17.29
N GLN B 452 24.40 -8.52 -18.42
CA GLN B 452 25.57 -7.84 -18.99
C GLN B 452 25.08 -6.82 -20.01
N ARG B 453 25.29 -5.54 -19.71
CA ARG B 453 25.00 -4.45 -20.62
C ARG B 453 26.28 -3.68 -20.90
N ASN B 454 26.49 -3.31 -22.15
CA ASN B 454 27.70 -2.62 -22.60
C ASN B 454 27.30 -1.31 -23.27
N ILE B 455 27.45 -0.21 -22.54
CA ILE B 455 27.28 1.13 -23.10
C ILE B 455 28.62 1.59 -23.64
N SER B 456 28.63 2.05 -24.89
CA SER B 456 29.87 2.44 -25.54
C SER B 456 29.67 3.71 -26.35
N THR B 457 30.77 4.43 -26.55
CA THR B 457 30.77 5.68 -27.28
C THR B 457 32.06 5.79 -28.10
N TRP B 458 31.95 6.34 -29.30
CA TRP B 458 33.09 6.48 -30.20
C TRP B 458 32.83 7.66 -31.13
N GLY B 459 33.75 7.87 -32.07
CA GLY B 459 33.59 8.91 -33.06
C GLY B 459 34.25 10.22 -32.67
N THR B 460 33.99 11.23 -33.49
CA THR B 460 34.56 12.56 -33.30
C THR B 460 33.63 13.41 -32.43
N THR B 461 34.12 14.59 -32.04
CA THR B 461 33.30 15.52 -31.27
C THR B 461 32.07 15.93 -32.06
N LEU B 462 32.28 16.43 -33.28
CA LEU B 462 31.18 16.91 -34.11
C LEU B 462 30.26 15.78 -34.56
N HIS B 463 30.76 14.55 -34.61
CA HIS B 463 29.97 13.39 -35.05
C HIS B 463 30.07 12.31 -33.97
N PRO B 464 29.44 12.53 -32.81
CA PRO B 464 29.56 11.56 -31.72
C PRO B 464 28.56 10.43 -31.82
N GLN B 465 29.03 9.19 -31.71
CA GLN B 465 28.18 8.02 -31.81
C GLN B 465 28.25 7.21 -30.53
N PHE B 466 27.19 6.44 -30.26
CA PHE B 466 27.10 5.66 -29.04
C PHE B 466 26.35 4.36 -29.34
N GLU B 467 26.25 3.51 -28.33
CA GLU B 467 25.55 2.25 -28.45
C GLU B 467 25.14 1.77 -27.06
N ASP B 468 23.97 1.14 -26.98
CA ASP B 468 23.48 0.51 -25.75
C ASP B 468 23.08 -0.92 -26.12
N LYS B 469 23.97 -1.87 -25.89
CA LYS B 469 23.78 -3.24 -26.32
C LYS B 469 23.40 -4.13 -25.13
N VAL B 470 23.20 -5.41 -25.42
CA VAL B 470 22.70 -6.38 -24.45
C VAL B 470 23.31 -7.73 -24.76
N VAL B 471 23.61 -8.50 -23.71
CA VAL B 471 24.14 -9.85 -23.87
C VAL B 471 23.38 -10.80 -22.95
#